data_6BZC
#
_entry.id   6BZC
#
_cell.length_a   69.280
_cell.length_b   102.140
_cell.length_c   153.730
_cell.angle_alpha   90.000
_cell.angle_beta   90.000
_cell.angle_gamma   90.000
#
_symmetry.space_group_name_H-M   'P 21 21 21'
#
loop_
_entity.id
_entity.type
_entity.pdbx_description
1 polymer 'Glucose-6-phosphate isomerase'
2 non-polymer 6-O-phosphono-alpha-D-glucopyranose
3 non-polymer 1,2-ETHANEDIOL
4 non-polymer GLYCEROL
5 water water
#
_entity_poly.entity_id   1
_entity_poly.type   'polypeptide(L)'
_entity_poly.pdbx_seq_one_letter_code
;MAHHHHHHMSLNTINPTETKAWAQLKEHFAETDFDLKQLFTEDKSRFSEFSIQKENLLFDFSKNLVDKKAFQLLLALAEE
CHLNDAIEKMFTGDLINQTENRAVLHTALRNFGEEKIVVNGKSIDEDVQRVLNQMKIFSEKIISGEHKGFSGKEITDVVN
IGIGGSDLGPVMVCSALKHYRTRLNTHFVSNVDGNHIAEVVKNLNPETTLFIIASKTFTTQETMTNALSAKEWFLKAGKE
EDVAKHFVALSTNIEAVKNFGIAEENIFEFWDWVGGRYSLWSAIGLSIVLAVGYDNFEKLLRGAQDTDKHFRNTEFKNNI
PVLMGVLGVWYRNFFDASSYAILPYSQYLDRFAAYLQQGDMESNGKSVDRNGEFVDYETGPIIWGEPGTNGQHAFYQLIH
QGTELIPADFIAYAKANNNLSDHQDKLMSNFFAQTEALAFGKTKEQVITELKASGKNEEEIAFLTNFKTFTGNTPTNSFI
FEELTPFTLGQLIAFYEHKIFVQGVIWNIFSFDQWGVELGKALANKILPELENTAEITSHDSSTNGLINFYKKHK
;
_entity_poly.pdbx_strand_id   A,B
#
loop_
_chem_comp.id
_chem_comp.type
_chem_comp.name
_chem_comp.formula
EDO non-polymer 1,2-ETHANEDIOL 'C2 H6 O2'
G6P D-saccharide, alpha linking 6-O-phosphono-alpha-D-glucopyranose 'C6 H13 O9 P'
GOL non-polymer GLYCEROL 'C3 H8 O3'
#
# COMPACT_ATOMS: atom_id res chain seq x y z
N HIS A 8 -5.99 28.98 23.65
CA HIS A 8 -6.46 29.11 22.28
C HIS A 8 -7.40 27.95 21.91
N MET A 9 -8.67 28.09 22.26
CA MET A 9 -9.64 26.99 22.19
C MET A 9 -10.81 27.35 21.28
N SER A 10 -11.12 26.45 20.35
CA SER A 10 -12.37 26.49 19.59
C SER A 10 -13.14 25.22 19.89
N LEU A 11 -12.74 24.12 19.26
CA LEU A 11 -13.13 22.80 19.71
C LEU A 11 -12.83 22.64 21.19
N ASN A 12 -13.70 21.91 21.90
CA ASN A 12 -13.45 21.59 23.30
C ASN A 12 -12.28 20.62 23.40
N THR A 13 -11.60 20.66 24.54
CA THR A 13 -10.35 19.95 24.71
C THR A 13 -10.41 18.86 25.78
N ILE A 14 -11.42 18.00 25.73
CA ILE A 14 -11.60 16.99 26.77
C ILE A 14 -10.66 15.82 26.52
N ASN A 15 -9.76 15.56 27.46
CA ASN A 15 -8.85 14.41 27.37
C ASN A 15 -9.66 13.12 27.47
N PRO A 16 -9.56 12.21 26.50
CA PRO A 16 -10.45 11.03 26.52
C PRO A 16 -10.16 10.07 27.66
N THR A 17 -8.89 9.87 28.01
CA THR A 17 -8.58 8.96 29.12
C THR A 17 -9.13 9.43 30.45
N GLU A 18 -9.76 10.60 30.51
CA GLU A 18 -10.29 11.12 31.76
C GLU A 18 -11.79 11.03 31.88
N THR A 19 -12.52 10.80 30.78
CA THR A 19 -13.97 10.77 30.86
C THR A 19 -14.46 9.58 31.69
N LYS A 20 -15.70 9.71 32.19
CA LYS A 20 -16.35 8.59 32.87
C LYS A 20 -16.57 7.41 31.93
N ALA A 21 -16.77 7.68 30.64
CA ALA A 21 -16.98 6.61 29.68
C ALA A 21 -15.72 5.78 29.48
N TRP A 22 -14.58 6.45 29.25
CA TRP A 22 -13.33 5.71 29.09
C TRP A 22 -13.05 4.81 30.28
N ALA A 23 -13.40 5.28 31.48
CA ALA A 23 -13.24 4.47 32.67
C ALA A 23 -14.01 3.14 32.55
N GLN A 24 -15.33 3.22 32.30
CA GLN A 24 -16.14 2.00 32.24
C GLN A 24 -15.80 1.16 31.02
N LEU A 25 -15.38 1.79 29.93
CA LEU A 25 -14.86 1.03 28.80
C LEU A 25 -13.63 0.23 29.21
N LYS A 26 -12.68 0.90 29.87
CA LYS A 26 -11.52 0.19 30.41
C LYS A 26 -11.94 -0.96 31.32
N GLU A 27 -13.02 -0.77 32.09
CA GLU A 27 -13.49 -1.82 32.98
C GLU A 27 -14.24 -2.91 32.23
N HIS A 28 -15.04 -2.53 31.23
CA HIS A 28 -15.79 -3.56 30.52
C HIS A 28 -14.84 -4.45 29.71
N PHE A 29 -13.91 -3.85 28.98
CA PHE A 29 -12.91 -4.62 28.25
C PHE A 29 -12.19 -5.61 29.16
N ALA A 30 -11.81 -5.17 30.36
CA ALA A 30 -11.05 -6.01 31.26
C ALA A 30 -11.81 -7.25 31.73
N GLU A 31 -13.15 -7.25 31.67
CA GLU A 31 -13.93 -8.29 32.32
C GLU A 31 -14.83 -9.05 31.34
N THR A 32 -14.53 -9.00 30.05
CA THR A 32 -15.42 -9.57 29.05
C THR A 32 -14.61 -10.14 27.89
N ASP A 33 -14.86 -11.41 27.57
CA ASP A 33 -14.36 -11.98 26.32
C ASP A 33 -15.28 -11.57 25.19
N PHE A 34 -14.70 -11.04 24.12
CA PHE A 34 -15.44 -10.68 22.93
C PHE A 34 -15.11 -11.74 21.89
N ASP A 35 -15.93 -12.78 21.85
CA ASP A 35 -15.77 -13.88 20.91
C ASP A 35 -16.89 -13.79 19.89
N LEU A 36 -16.53 -13.51 18.64
CA LEU A 36 -17.55 -13.29 17.62
C LEU A 36 -18.48 -14.48 17.49
N LYS A 37 -17.92 -15.70 17.48
CA LYS A 37 -18.76 -16.89 17.39
C LYS A 37 -19.74 -16.96 18.55
N GLN A 38 -19.30 -16.54 19.74
CA GLN A 38 -20.19 -16.53 20.90
C GLN A 38 -21.29 -15.49 20.72
N LEU A 39 -20.90 -14.23 20.49
CA LEU A 39 -21.86 -13.15 20.34
C LEU A 39 -22.95 -13.49 19.34
N PHE A 40 -22.58 -14.21 18.27
CA PHE A 40 -23.57 -14.55 17.26
C PHE A 40 -24.45 -15.71 17.70
N THR A 41 -23.86 -16.72 18.35
CA THR A 41 -24.67 -17.87 18.79
C THR A 41 -25.67 -17.45 19.85
N GLU A 42 -25.32 -16.44 20.67
CA GLU A 42 -26.19 -15.95 21.73
C GLU A 42 -27.37 -15.13 21.25
N ASP A 43 -27.39 -14.73 19.97
CA ASP A 43 -28.31 -13.68 19.51
C ASP A 43 -28.56 -13.84 18.01
N LYS A 44 -29.76 -14.31 17.67
CA LYS A 44 -30.14 -14.47 16.28
C LYS A 44 -30.37 -13.15 15.56
N SER A 45 -30.56 -12.06 16.31
CA SER A 45 -30.80 -10.73 15.75
C SER A 45 -29.54 -9.86 15.72
N ARG A 46 -28.36 -10.43 15.99
CA ARG A 46 -27.17 -9.59 16.14
C ARG A 46 -26.94 -8.72 14.92
N PHE A 47 -27.03 -9.31 13.72
CA PHE A 47 -26.86 -8.51 12.50
C PHE A 47 -27.88 -7.40 12.42
N SER A 48 -29.16 -7.70 12.71
CA SER A 48 -30.18 -6.67 12.63
C SER A 48 -29.90 -5.53 13.61
N GLU A 49 -29.37 -5.87 14.78
CA GLU A 49 -29.09 -4.86 15.79
C GLU A 49 -27.82 -4.07 15.51
N PHE A 50 -26.86 -4.67 14.79
CA PHE A 50 -25.54 -4.07 14.61
C PHE A 50 -25.25 -3.73 13.16
N SER A 51 -26.24 -3.16 12.46
CA SER A 51 -26.09 -2.76 11.06
C SER A 51 -26.97 -1.55 10.79
N ILE A 52 -26.60 -0.77 9.79
CA ILE A 52 -27.42 0.34 9.35
C ILE A 52 -27.66 0.18 7.86
N GLN A 53 -28.92 0.18 7.48
CA GLN A 53 -29.31 0.08 6.07
C GLN A 53 -29.87 1.44 5.68
N LYS A 54 -28.99 2.30 5.19
CA LYS A 54 -29.38 3.63 4.72
C LYS A 54 -29.61 3.54 3.22
N GLU A 55 -30.89 3.44 2.83
CA GLU A 55 -31.28 3.47 1.42
C GLU A 55 -30.57 2.34 0.70
N ASN A 56 -29.83 2.60 -0.38
CA ASN A 56 -29.14 1.60 -1.20
C ASN A 56 -27.82 1.15 -0.60
N LEU A 57 -27.63 1.28 0.71
CA LEU A 57 -26.33 1.04 1.33
C LEU A 57 -26.51 0.20 2.58
N LEU A 58 -25.73 -0.85 2.70
CA LEU A 58 -25.71 -1.67 3.91
C LEU A 58 -24.35 -1.51 4.58
N PHE A 59 -24.35 -0.99 5.79
CA PHE A 59 -23.15 -0.92 6.61
C PHE A 59 -23.36 -1.86 7.79
N ASP A 60 -22.69 -3.01 7.73
CA ASP A 60 -22.85 -4.06 8.74
C ASP A 60 -21.62 -4.06 9.65
N PHE A 61 -21.82 -3.67 10.90
CA PHE A 61 -20.73 -3.66 11.89
C PHE A 61 -20.92 -4.75 12.94
N SER A 62 -21.62 -5.83 12.59
CA SER A 62 -21.91 -6.88 13.54
C SER A 62 -20.72 -7.81 13.76
N LYS A 63 -19.80 -7.89 12.80
CA LYS A 63 -18.58 -8.68 12.97
C LYS A 63 -17.49 -7.95 13.74
N ASN A 64 -17.84 -6.90 14.48
CA ASN A 64 -16.92 -6.23 15.37
C ASN A 64 -16.93 -6.87 16.75
N LEU A 65 -15.80 -6.72 17.46
CA LEU A 65 -15.62 -7.26 18.80
C LEU A 65 -16.26 -6.37 19.85
N VAL A 66 -17.58 -6.27 19.79
CA VAL A 66 -18.37 -5.43 20.67
C VAL A 66 -19.61 -6.19 21.08
N ASP A 67 -20.06 -5.96 22.30
CA ASP A 67 -21.41 -6.32 22.68
C ASP A 67 -22.20 -5.03 22.85
N LYS A 68 -23.49 -5.17 23.16
CA LYS A 68 -24.34 -3.99 23.39
C LYS A 68 -23.67 -3.03 24.36
N LYS A 69 -23.17 -3.55 25.49
CA LYS A 69 -22.54 -2.71 26.51
C LYS A 69 -21.37 -1.92 25.94
N ALA A 70 -20.38 -2.59 25.35
CA ALA A 70 -19.26 -1.85 24.78
C ALA A 70 -19.77 -0.87 23.73
N PHE A 71 -20.73 -1.29 22.93
CA PHE A 71 -21.29 -0.42 21.89
C PHE A 71 -21.82 0.87 22.49
N GLN A 72 -22.75 0.75 23.45
CA GLN A 72 -23.31 1.95 24.07
C GLN A 72 -22.25 2.76 24.82
N LEU A 73 -21.24 2.10 25.41
CA LEU A 73 -20.18 2.87 26.08
C LEU A 73 -19.32 3.65 25.08
N LEU A 74 -19.09 3.10 23.88
CA LEU A 74 -18.33 3.85 22.89
C LEU A 74 -19.15 5.02 22.35
N LEU A 75 -20.46 4.84 22.20
CA LEU A 75 -21.34 5.99 21.94
C LEU A 75 -21.28 7.00 23.08
N ALA A 76 -21.25 6.52 24.32
CA ALA A 76 -21.17 7.42 25.46
C ALA A 76 -19.92 8.29 25.39
N LEU A 77 -18.81 7.70 24.95
CA LEU A 77 -17.53 8.41 24.92
C LEU A 77 -17.53 9.52 23.89
N ALA A 78 -18.09 9.26 22.70
CA ALA A 78 -18.23 10.31 21.70
C ALA A 78 -19.13 11.44 22.19
N GLU A 79 -20.23 11.10 22.87
CA GLU A 79 -21.09 12.10 23.49
C GLU A 79 -20.33 12.89 24.56
N GLU A 80 -19.62 12.18 25.44
CA GLU A 80 -18.89 12.82 26.52
C GLU A 80 -17.69 13.63 26.04
N CYS A 81 -17.15 13.29 24.87
CA CYS A 81 -16.14 14.13 24.23
C CYS A 81 -16.75 15.31 23.47
N HIS A 82 -18.08 15.46 23.54
CA HIS A 82 -18.81 16.60 23.00
C HIS A 82 -18.73 16.61 21.47
N LEU A 83 -18.95 15.44 20.88
CA LEU A 83 -18.77 15.30 19.43
C LEU A 83 -19.75 16.17 18.67
N ASN A 84 -21.01 16.20 19.10
CA ASN A 84 -22.01 17.05 18.46
C ASN A 84 -21.53 18.50 18.41
N ASP A 85 -21.03 19.01 19.54
CA ASP A 85 -20.48 20.37 19.55
C ASP A 85 -19.39 20.52 18.50
N ALA A 86 -18.50 19.53 18.39
CA ALA A 86 -17.41 19.58 17.41
C ALA A 86 -17.93 19.58 15.97
N ILE A 87 -18.92 18.73 15.67
CA ILE A 87 -19.44 18.65 14.31
C ILE A 87 -19.89 20.02 13.82
N GLU A 88 -20.73 20.69 14.62
CA GLU A 88 -21.25 22.02 14.25
C GLU A 88 -20.14 23.06 14.17
N LYS A 89 -19.12 22.98 15.02
CA LYS A 89 -18.02 23.93 14.90
C LYS A 89 -17.31 23.79 13.56
N MET A 90 -17.07 22.56 13.11
CA MET A 90 -16.56 22.31 11.77
C MET A 90 -17.46 22.84 10.67
N PHE A 91 -18.64 22.23 10.51
CA PHE A 91 -19.57 22.64 9.44
C PHE A 91 -19.80 24.17 9.43
N THR A 92 -20.07 24.77 10.60
CA THR A 92 -20.41 26.19 10.63
C THR A 92 -19.19 27.12 10.58
N GLY A 93 -17.99 26.57 10.35
CA GLY A 93 -16.84 27.39 10.04
C GLY A 93 -16.08 27.99 11.20
N ASP A 94 -16.22 27.45 12.41
CA ASP A 94 -15.37 27.92 13.49
C ASP A 94 -13.93 27.49 13.23
N LEU A 95 -12.99 28.27 13.79
CA LEU A 95 -11.57 28.11 13.48
C LEU A 95 -10.98 26.95 14.27
N ILE A 96 -11.49 25.75 13.97
CA ILE A 96 -11.10 24.57 14.74
C ILE A 96 -9.68 24.10 14.42
N ASN A 97 -9.12 24.49 13.27
CA ASN A 97 -7.68 24.34 13.05
C ASN A 97 -7.03 25.48 13.81
N GLN A 98 -6.76 25.25 15.11
CA GLN A 98 -6.33 26.36 15.97
C GLN A 98 -4.85 26.70 15.80
N THR A 99 -3.98 25.71 15.56
CA THR A 99 -2.55 26.01 15.45
C THR A 99 -2.24 26.86 14.22
N GLU A 100 -3.06 26.74 13.18
CA GLU A 100 -2.93 27.57 12.00
C GLU A 100 -4.01 28.64 11.91
N ASN A 101 -4.90 28.72 12.90
CA ASN A 101 -6.00 29.67 12.96
C ASN A 101 -6.80 29.66 11.65
N ARG A 102 -7.28 28.47 11.29
CA ARG A 102 -8.00 28.29 10.05
C ARG A 102 -9.33 27.60 10.33
N ALA A 103 -10.32 27.90 9.49
CA ALA A 103 -11.50 27.06 9.48
C ALA A 103 -11.20 25.76 8.72
N VAL A 104 -12.14 24.84 8.77
CA VAL A 104 -11.99 23.52 8.18
C VAL A 104 -13.28 23.24 7.42
N LEU A 105 -13.35 23.64 6.16
CA LEU A 105 -14.64 23.71 5.46
C LEU A 105 -14.64 23.00 4.12
N HIS A 106 -14.00 21.84 4.06
CA HIS A 106 -14.19 20.98 2.89
C HIS A 106 -15.66 20.58 2.73
N THR A 107 -16.41 20.44 3.83
CA THR A 107 -17.85 20.16 3.70
C THR A 107 -18.57 21.27 2.94
N ALA A 108 -18.17 22.52 3.14
CA ALA A 108 -18.80 23.62 2.42
C ALA A 108 -18.54 23.52 0.92
N LEU A 109 -17.45 22.87 0.51
CA LEU A 109 -17.13 22.72 -0.91
C LEU A 109 -18.19 21.94 -1.67
N ARG A 110 -18.99 21.13 -0.97
CA ARG A 110 -19.99 20.33 -1.65
C ARG A 110 -21.38 20.56 -1.07
N ASN A 111 -21.63 21.67 -0.38
CA ASN A 111 -22.98 21.88 0.14
C ASN A 111 -23.92 22.52 -0.89
N PHE A 112 -23.40 22.85 -2.08
CA PHE A 112 -24.18 23.38 -3.20
C PHE A 112 -24.99 24.61 -2.83
N GLY A 113 -24.47 25.44 -1.94
CA GLY A 113 -25.12 26.68 -1.59
C GLY A 113 -26.40 26.52 -0.81
N GLU A 114 -26.64 25.32 -0.26
CA GLU A 114 -27.80 25.09 0.59
C GLU A 114 -27.58 25.66 1.98
N GLU A 115 -26.36 26.06 2.30
CA GLU A 115 -26.02 26.68 3.57
C GLU A 115 -25.09 27.84 3.29
N LYS A 116 -25.23 28.90 4.08
CA LYS A 116 -24.39 30.09 3.97
C LYS A 116 -23.38 30.03 5.12
N ILE A 117 -22.15 29.65 4.81
CA ILE A 117 -21.07 29.61 5.78
C ILE A 117 -20.26 30.89 5.64
N VAL A 118 -19.94 31.51 6.76
CA VAL A 118 -19.27 32.80 6.78
C VAL A 118 -17.88 32.62 7.35
N VAL A 119 -16.88 33.16 6.65
CA VAL A 119 -15.48 33.11 7.08
C VAL A 119 -14.92 34.52 6.98
N ASN A 120 -14.45 35.05 8.11
CA ASN A 120 -14.02 36.44 8.19
C ASN A 120 -15.08 37.36 7.62
N GLY A 121 -16.31 37.20 8.14
CA GLY A 121 -17.41 38.03 7.72
C GLY A 121 -17.80 37.89 6.26
N LYS A 122 -17.32 36.85 5.57
CA LYS A 122 -17.53 36.70 4.14
C LYS A 122 -18.19 35.35 3.86
N SER A 123 -19.42 35.38 3.33
CA SER A 123 -20.01 34.15 2.84
C SER A 123 -19.14 33.55 1.76
N ILE A 124 -18.89 32.25 1.88
CA ILE A 124 -17.96 31.58 0.99
C ILE A 124 -18.64 30.89 -0.18
N ASP A 125 -19.96 30.74 -0.16
CA ASP A 125 -20.55 29.89 -1.18
C ASP A 125 -20.48 30.53 -2.56
N GLU A 126 -20.67 31.84 -2.65
CA GLU A 126 -20.42 32.52 -3.91
C GLU A 126 -19.06 32.09 -4.48
N ASP A 127 -18.01 32.12 -3.64
CA ASP A 127 -16.67 31.74 -4.09
C ASP A 127 -16.63 30.30 -4.58
N VAL A 128 -17.25 29.40 -3.83
CA VAL A 128 -17.21 27.97 -4.15
C VAL A 128 -17.91 27.71 -5.49
N GLN A 129 -19.14 28.21 -5.64
CA GLN A 129 -19.88 27.96 -6.87
C GLN A 129 -19.23 28.62 -8.07
N ARG A 130 -18.60 29.79 -7.87
CA ARG A 130 -17.88 30.43 -8.98
C ARG A 130 -16.83 29.49 -9.56
N VAL A 131 -15.98 28.91 -8.71
CA VAL A 131 -14.89 28.09 -9.23
C VAL A 131 -15.44 26.80 -9.84
N LEU A 132 -16.44 26.20 -9.19
CA LEU A 132 -17.15 25.04 -9.77
C LEU A 132 -17.63 25.34 -11.18
N ASN A 133 -18.40 26.42 -11.33
CA ASN A 133 -18.86 26.82 -12.65
C ASN A 133 -17.67 27.12 -13.56
N GLN A 134 -16.58 27.64 -12.98
CA GLN A 134 -15.35 27.87 -13.74
C GLN A 134 -14.75 26.57 -14.24
N MET A 135 -14.69 25.55 -13.39
CA MET A 135 -14.20 24.24 -13.81
C MET A 135 -15.13 23.63 -14.85
N LYS A 136 -16.43 23.88 -14.71
CA LYS A 136 -17.40 23.37 -15.67
C LYS A 136 -17.21 23.97 -17.04
N ILE A 137 -17.12 25.30 -17.13
CA ILE A 137 -17.01 25.91 -18.45
C ILE A 137 -15.69 25.54 -19.09
N PHE A 138 -14.60 25.59 -18.30
CA PHE A 138 -13.29 25.26 -18.83
C PHE A 138 -13.29 23.84 -19.40
N SER A 139 -13.85 22.90 -18.66
CA SER A 139 -13.69 21.50 -19.01
C SER A 139 -14.53 21.13 -20.23
N GLU A 140 -15.72 21.69 -20.32
CA GLU A 140 -16.52 21.52 -21.52
C GLU A 140 -15.74 21.93 -22.76
N LYS A 141 -14.89 22.96 -22.65
CA LYS A 141 -14.17 23.42 -23.81
C LYS A 141 -12.99 22.52 -24.13
N ILE A 142 -12.37 21.90 -23.12
CA ILE A 142 -11.34 20.91 -23.41
C ILE A 142 -11.98 19.67 -24.02
N ILE A 143 -13.00 19.11 -23.35
CA ILE A 143 -13.60 17.86 -23.82
C ILE A 143 -14.21 18.04 -25.21
N SER A 144 -15.03 19.08 -25.39
CA SER A 144 -15.66 19.35 -26.68
C SER A 144 -14.65 19.59 -27.78
N GLY A 145 -13.43 20.01 -27.44
CA GLY A 145 -12.46 20.32 -28.44
C GLY A 145 -12.51 21.74 -28.97
N GLU A 146 -13.34 22.60 -28.37
CA GLU A 146 -13.30 24.02 -28.70
C GLU A 146 -11.99 24.68 -28.28
N HIS A 147 -11.38 24.23 -27.17
CA HIS A 147 -10.13 24.82 -26.71
C HIS A 147 -9.00 24.09 -27.43
N LYS A 148 -8.42 24.74 -28.43
CA LYS A 148 -7.34 24.16 -29.21
C LYS A 148 -5.98 24.45 -28.60
N GLY A 149 -5.06 23.49 -28.73
CA GLY A 149 -3.65 23.73 -28.48
C GLY A 149 -3.07 24.71 -29.51
N PHE A 150 -1.76 24.96 -29.36
CA PHE A 150 -1.15 26.09 -30.06
C PHE A 150 -1.04 25.86 -31.57
N SER A 151 -1.02 24.61 -32.01
CA SER A 151 -1.05 24.31 -33.43
C SER A 151 -2.45 24.11 -33.98
N GLY A 152 -3.48 24.25 -33.14
CA GLY A 152 -4.86 24.16 -33.59
C GLY A 152 -5.48 22.79 -33.44
N LYS A 153 -4.87 21.90 -32.67
CA LYS A 153 -5.39 20.56 -32.47
C LYS A 153 -6.07 20.45 -31.11
N GLU A 154 -7.03 19.54 -31.02
CA GLU A 154 -7.74 19.29 -29.77
C GLU A 154 -6.80 18.70 -28.73
N ILE A 155 -6.93 19.17 -27.48
CA ILE A 155 -6.26 18.51 -26.38
C ILE A 155 -6.76 17.08 -26.29
N THR A 156 -5.82 16.13 -26.26
CA THR A 156 -6.09 14.72 -26.07
C THR A 156 -5.63 14.19 -24.72
N ASP A 157 -4.76 14.91 -24.03
CA ASP A 157 -4.03 14.38 -22.90
C ASP A 157 -3.96 15.46 -21.84
N VAL A 158 -4.28 15.08 -20.61
CA VAL A 158 -4.29 15.99 -19.47
C VAL A 158 -3.32 15.44 -18.43
N VAL A 159 -2.35 16.25 -18.05
CA VAL A 159 -1.34 15.82 -17.08
C VAL A 159 -1.50 16.70 -15.84
N ASN A 160 -1.99 16.09 -14.76
CA ASN A 160 -2.00 16.74 -13.46
C ASN A 160 -0.63 16.59 -12.81
N ILE A 161 -0.14 17.67 -12.18
CA ILE A 161 1.18 17.73 -11.57
C ILE A 161 1.02 18.27 -10.16
N GLY A 162 1.27 17.43 -9.17
CA GLY A 162 1.26 17.85 -7.79
C GLY A 162 1.58 16.64 -6.95
N ILE A 163 1.53 16.82 -5.63
CA ILE A 163 2.00 15.80 -4.71
C ILE A 163 1.06 15.76 -3.50
N GLY A 164 1.04 14.61 -2.82
CA GLY A 164 0.12 14.38 -1.73
C GLY A 164 -1.31 14.80 -2.05
N GLY A 165 -1.77 15.85 -1.39
CA GLY A 165 -3.16 16.26 -1.53
C GLY A 165 -3.50 16.72 -2.93
N SER A 166 -2.51 17.20 -3.66
CA SER A 166 -2.70 17.63 -5.04
C SER A 166 -2.58 16.49 -6.03
N ASP A 167 -2.25 15.28 -5.56
CA ASP A 167 -2.10 14.10 -6.41
C ASP A 167 -3.05 12.97 -6.03
N LEU A 168 -3.14 12.62 -4.75
CA LEU A 168 -3.70 11.33 -4.37
C LEU A 168 -5.17 11.24 -4.76
N GLY A 169 -5.94 12.28 -4.43
CA GLY A 169 -7.37 12.30 -4.68
C GLY A 169 -7.72 12.23 -6.15
N PRO A 170 -7.17 13.16 -6.95
CA PRO A 170 -7.35 13.04 -8.41
C PRO A 170 -6.93 11.68 -8.96
N VAL A 171 -5.82 11.11 -8.49
CA VAL A 171 -5.42 9.77 -8.94
C VAL A 171 -6.50 8.76 -8.59
N MET A 172 -6.86 8.70 -7.31
CA MET A 172 -7.74 7.64 -6.85
C MET A 172 -9.10 7.73 -7.55
N VAL A 173 -9.68 8.93 -7.56
CA VAL A 173 -11.03 9.14 -8.11
C VAL A 173 -11.04 8.84 -9.61
N CYS A 174 -10.10 9.43 -10.36
CA CYS A 174 -10.00 9.11 -11.78
C CYS A 174 -9.83 7.62 -11.98
N SER A 175 -8.99 6.98 -11.16
CA SER A 175 -8.89 5.53 -11.26
C SER A 175 -10.22 4.85 -10.93
N ALA A 176 -10.93 5.37 -9.93
CA ALA A 176 -12.13 4.69 -9.46
C ALA A 176 -13.27 4.81 -10.47
N LEU A 177 -13.43 5.98 -11.07
CA LEU A 177 -14.49 6.27 -12.05
C LEU A 177 -14.01 6.09 -13.48
N LYS A 178 -13.09 5.16 -13.73
CA LYS A 178 -12.63 4.90 -15.09
C LYS A 178 -13.78 4.54 -16.01
N HIS A 179 -14.85 3.93 -15.48
CA HIS A 179 -16.00 3.57 -16.31
C HIS A 179 -16.75 4.80 -16.83
N TYR A 180 -16.58 5.95 -16.19
CA TYR A 180 -17.32 7.17 -16.49
C TYR A 180 -16.49 8.16 -17.29
N ARG A 181 -15.45 7.70 -17.98
CA ARG A 181 -14.43 8.59 -18.51
C ARG A 181 -14.90 9.33 -19.74
N THR A 182 -14.39 10.55 -19.89
CA THR A 182 -14.44 11.29 -21.13
C THR A 182 -13.50 10.67 -22.15
N ARG A 183 -13.40 11.34 -23.30
CA ARG A 183 -12.43 10.96 -24.30
C ARG A 183 -11.00 11.26 -23.84
N LEU A 184 -10.81 12.22 -22.95
CA LEU A 184 -9.48 12.68 -22.59
C LEU A 184 -8.69 11.57 -21.89
N ASN A 185 -7.40 11.47 -22.22
CA ASN A 185 -6.48 10.67 -21.42
C ASN A 185 -5.95 11.52 -20.26
N THR A 186 -5.90 10.93 -19.06
CA THR A 186 -5.37 11.61 -17.89
C THR A 186 -4.06 10.97 -17.48
N HIS A 187 -3.12 11.81 -16.99
CA HIS A 187 -1.82 11.35 -16.54
C HIS A 187 -1.46 12.10 -15.26
N PHE A 188 -0.58 11.50 -14.45
CA PHE A 188 -0.40 11.97 -13.07
C PHE A 188 1.07 11.94 -12.67
N VAL A 189 1.70 13.12 -12.72
CA VAL A 189 3.08 13.33 -12.29
C VAL A 189 3.07 13.83 -10.86
N SER A 190 3.83 13.16 -9.98
CA SER A 190 3.88 13.58 -8.58
C SER A 190 5.29 13.58 -7.99
N ASN A 191 6.03 12.49 -8.15
CA ASN A 191 7.35 12.36 -7.52
C ASN A 191 8.30 13.39 -8.12
N VAL A 192 9.21 13.89 -7.27
CA VAL A 192 10.23 14.80 -7.77
C VAL A 192 11.24 14.03 -8.59
N ASP A 193 11.40 12.74 -8.31
CA ASP A 193 12.12 11.84 -9.20
C ASP A 193 11.72 12.14 -10.63
N GLY A 194 12.70 12.62 -11.41
CA GLY A 194 12.46 13.05 -12.76
C GLY A 194 12.10 11.93 -13.71
N ASN A 195 12.41 10.69 -13.35
CA ASN A 195 11.95 9.58 -14.17
C ASN A 195 10.43 9.54 -14.26
N HIS A 196 9.74 10.18 -13.32
CA HIS A 196 8.27 10.13 -13.31
C HIS A 196 7.69 10.96 -14.45
N ILE A 197 7.99 12.26 -14.48
CA ILE A 197 7.52 13.07 -15.58
C ILE A 197 8.16 12.60 -16.89
N ALA A 198 9.37 12.04 -16.81
CA ALA A 198 10.03 11.58 -18.03
C ALA A 198 9.24 10.43 -18.65
N GLU A 199 8.84 9.46 -17.84
CA GLU A 199 8.08 8.35 -18.39
C GLU A 199 6.68 8.78 -18.82
N VAL A 200 6.06 9.71 -18.09
CA VAL A 200 4.69 10.16 -18.38
C VAL A 200 4.62 10.86 -19.73
N VAL A 201 5.54 11.79 -19.98
CA VAL A 201 5.48 12.58 -21.22
C VAL A 201 6.10 11.87 -22.41
N LYS A 202 6.68 10.68 -22.21
CA LYS A 202 7.56 10.10 -23.22
C LYS A 202 6.84 9.93 -24.56
N ASN A 203 5.58 9.52 -24.54
CA ASN A 203 4.81 9.40 -25.76
C ASN A 203 3.70 10.45 -25.84
N LEU A 204 3.90 11.60 -25.22
CA LEU A 204 2.92 12.67 -25.29
C LEU A 204 3.32 13.69 -26.34
N ASN A 205 2.33 14.44 -26.82
CA ASN A 205 2.56 15.47 -27.82
C ASN A 205 2.24 16.82 -27.20
N PRO A 206 3.22 17.71 -27.06
CA PRO A 206 2.96 19.03 -26.45
C PRO A 206 1.95 19.87 -27.22
N GLU A 207 1.65 19.52 -28.48
CA GLU A 207 0.57 20.19 -29.21
C GLU A 207 -0.81 19.84 -28.69
N THR A 208 -0.96 18.71 -28.00
CA THR A 208 -2.28 18.23 -27.57
C THR A 208 -2.31 17.87 -26.08
N THR A 209 -1.36 18.37 -25.30
CA THR A 209 -1.27 18.05 -23.89
C THR A 209 -1.58 19.29 -23.03
N LEU A 210 -2.42 19.11 -22.02
CA LEU A 210 -2.79 20.16 -21.08
C LEU A 210 -2.19 19.80 -19.73
N PHE A 211 -1.40 20.71 -19.16
CA PHE A 211 -0.79 20.52 -17.86
C PHE A 211 -1.58 21.22 -16.78
N ILE A 212 -1.78 20.52 -15.68
CA ILE A 212 -2.46 21.05 -14.51
C ILE A 212 -1.43 21.06 -13.39
N ILE A 213 -1.14 22.23 -12.86
CA ILE A 213 -0.19 22.39 -11.77
C ILE A 213 -1.03 22.58 -10.51
N ALA A 214 -1.31 21.49 -9.83
CA ALA A 214 -2.11 21.54 -8.61
C ALA A 214 -1.16 21.64 -7.43
N SER A 215 -1.17 22.78 -6.76
CA SER A 215 -0.43 22.93 -5.52
C SER A 215 -1.12 24.04 -4.72
N LYS A 216 -1.65 23.67 -3.55
CA LYS A 216 -2.32 24.63 -2.69
C LYS A 216 -1.43 25.85 -2.44
N THR A 217 -0.21 25.60 -1.97
CA THR A 217 0.75 26.64 -1.65
C THR A 217 1.42 27.19 -2.89
N PHE A 218 1.55 26.35 -3.92
CA PHE A 218 2.34 26.63 -5.13
C PHE A 218 3.81 26.93 -4.82
N THR A 219 4.31 26.43 -3.69
CA THR A 219 5.71 26.53 -3.31
C THR A 219 6.38 25.17 -3.19
N THR A 220 5.62 24.09 -3.20
CA THR A 220 6.16 22.75 -3.01
C THR A 220 7.25 22.44 -4.03
N GLN A 221 8.38 21.94 -3.53
CA GLN A 221 9.54 21.69 -4.38
C GLN A 221 9.24 20.68 -5.48
N GLU A 222 8.62 19.55 -5.13
CA GLU A 222 8.38 18.50 -6.12
C GLU A 222 7.55 19.02 -7.29
N THR A 223 6.38 19.59 -6.96
CA THR A 223 5.47 20.17 -7.96
C THR A 223 6.15 21.23 -8.82
N MET A 224 6.79 22.21 -8.19
CA MET A 224 7.38 23.31 -8.96
C MET A 224 8.49 22.82 -9.87
N THR A 225 9.30 21.87 -9.40
CA THR A 225 10.32 21.28 -10.26
C THR A 225 9.67 20.51 -11.42
N ASN A 226 8.65 19.71 -11.12
CA ASN A 226 7.90 19.04 -12.18
C ASN A 226 7.26 20.06 -13.11
N ALA A 227 6.73 21.17 -12.56
CA ALA A 227 6.14 22.19 -13.41
C ALA A 227 7.17 22.75 -14.38
N LEU A 228 8.37 23.07 -13.89
CA LEU A 228 9.37 23.67 -14.75
C LEU A 228 9.93 22.67 -15.76
N SER A 229 9.96 21.38 -15.41
CA SER A 229 10.31 20.35 -16.40
C SER A 229 9.21 20.20 -17.45
N ALA A 230 7.94 20.23 -17.03
CA ALA A 230 6.84 20.21 -17.98
C ALA A 230 6.89 21.41 -18.91
N LYS A 231 7.16 22.59 -18.37
CA LYS A 231 7.33 23.77 -19.20
C LYS A 231 8.48 23.59 -20.19
N GLU A 232 9.67 23.22 -19.69
CA GLU A 232 10.80 23.05 -20.60
C GLU A 232 10.48 22.03 -21.68
N TRP A 233 9.88 20.90 -21.30
CA TRP A 233 9.46 19.90 -22.27
C TRP A 233 8.50 20.50 -23.29
N PHE A 234 7.51 21.24 -22.81
CA PHE A 234 6.55 21.85 -23.73
C PHE A 234 7.24 22.82 -24.67
N LEU A 235 8.23 23.55 -24.16
CA LEU A 235 8.88 24.61 -24.93
C LEU A 235 9.83 24.08 -25.97
N LYS A 236 10.11 22.77 -25.98
CA LYS A 236 10.85 22.22 -27.11
C LYS A 236 10.02 22.29 -28.38
N ALA A 237 8.70 22.33 -28.28
CA ALA A 237 7.86 22.48 -29.47
C ALA A 237 7.08 23.78 -29.50
N GLY A 238 6.69 24.30 -28.33
CA GLY A 238 5.87 25.49 -28.26
C GLY A 238 6.67 26.73 -27.91
N LYS A 239 6.01 27.87 -28.07
CA LYS A 239 6.57 29.17 -27.72
C LYS A 239 6.10 29.58 -26.33
N GLU A 240 6.83 30.51 -25.72
CA GLU A 240 6.51 30.89 -24.35
C GLU A 240 5.14 31.54 -24.25
N GLU A 241 4.73 32.27 -25.29
CA GLU A 241 3.38 32.83 -25.34
C GLU A 241 2.31 31.75 -25.45
N ASP A 242 2.71 30.52 -25.78
CA ASP A 242 1.81 29.39 -25.82
C ASP A 242 1.63 28.70 -24.48
N VAL A 243 2.41 29.06 -23.46
CA VAL A 243 2.24 28.44 -22.15
C VAL A 243 0.81 28.61 -21.66
N ALA A 244 0.26 29.82 -21.81
CA ALA A 244 -1.06 30.17 -21.30
C ALA A 244 -2.17 29.39 -21.97
N LYS A 245 -1.89 28.71 -23.08
CA LYS A 245 -2.86 27.88 -23.76
C LYS A 245 -2.84 26.43 -23.30
N HIS A 246 -1.73 25.96 -22.69
CA HIS A 246 -1.59 24.56 -22.30
C HIS A 246 -1.34 24.32 -20.82
N PHE A 247 -1.18 25.37 -20.00
CA PHE A 247 -0.92 25.21 -18.57
C PHE A 247 -1.98 25.95 -17.77
N VAL A 248 -2.62 25.23 -16.85
CA VAL A 248 -3.52 25.82 -15.87
C VAL A 248 -2.96 25.52 -14.48
N ALA A 249 -3.49 26.22 -13.47
CA ALA A 249 -3.08 26.03 -12.09
C ALA A 249 -4.25 26.06 -11.13
N LEU A 250 -4.15 25.21 -10.10
CA LEU A 250 -5.12 25.05 -9.03
C LEU A 250 -4.39 25.38 -7.74
N SER A 251 -4.56 26.59 -7.24
CA SER A 251 -3.78 27.01 -6.08
C SER A 251 -4.55 28.05 -5.30
N THR A 252 -4.05 28.31 -4.10
CA THR A 252 -4.46 29.50 -3.35
C THR A 252 -3.51 30.67 -3.58
N ASN A 253 -2.43 30.47 -4.33
CA ASN A 253 -1.36 31.46 -4.45
C ASN A 253 -1.35 32.02 -5.86
N ILE A 254 -2.25 32.99 -6.12
CA ILE A 254 -2.45 33.50 -7.46
C ILE A 254 -1.26 34.31 -7.96
N GLU A 255 -0.50 34.93 -7.05
CA GLU A 255 0.66 35.72 -7.46
C GLU A 255 1.78 34.82 -7.97
N ALA A 256 2.15 33.82 -7.18
CA ALA A 256 3.23 32.91 -7.59
C ALA A 256 2.86 32.14 -8.85
N VAL A 257 1.59 31.78 -9.01
CA VAL A 257 1.16 31.12 -10.24
C VAL A 257 1.37 32.02 -11.45
N LYS A 258 0.89 33.27 -11.34
CA LYS A 258 0.93 34.18 -12.48
C LYS A 258 2.36 34.39 -12.98
N ASN A 259 3.35 34.34 -12.08
CA ASN A 259 4.75 34.43 -12.48
C ASN A 259 5.20 33.21 -13.30
N PHE A 260 4.43 32.12 -13.28
CA PHE A 260 4.79 30.94 -14.04
C PHE A 260 4.50 31.08 -15.52
N GLY A 261 3.77 32.12 -15.91
CA GLY A 261 3.25 32.24 -17.26
C GLY A 261 1.84 31.73 -17.42
N ILE A 262 1.23 31.22 -16.36
CA ILE A 262 -0.16 30.78 -16.41
C ILE A 262 -1.07 31.99 -16.30
N ALA A 263 -2.04 32.06 -17.20
CA ALA A 263 -2.99 33.16 -17.20
C ALA A 263 -3.87 33.14 -15.96
N GLU A 264 -4.15 34.33 -15.43
CA GLU A 264 -5.00 34.47 -14.26
C GLU A 264 -6.34 33.77 -14.47
N GLU A 265 -6.91 33.93 -15.66
CA GLU A 265 -8.22 33.35 -15.95
C GLU A 265 -8.22 31.84 -15.75
N ASN A 266 -7.08 31.19 -15.98
CA ASN A 266 -6.94 29.75 -15.78
C ASN A 266 -6.34 29.38 -14.45
N ILE A 267 -6.46 30.26 -13.45
CA ILE A 267 -6.17 29.90 -12.06
C ILE A 267 -7.48 29.45 -11.42
N PHE A 268 -7.51 28.21 -10.95
CA PHE A 268 -8.69 27.64 -10.34
C PHE A 268 -8.49 27.74 -8.84
N GLU A 269 -9.16 28.71 -8.23
CA GLU A 269 -8.90 29.08 -6.85
C GLU A 269 -9.56 28.10 -5.87
N PHE A 270 -8.84 27.80 -4.78
CA PHE A 270 -9.47 27.25 -3.58
C PHE A 270 -8.81 27.92 -2.38
N TRP A 271 -9.18 27.49 -1.17
CA TRP A 271 -8.96 28.34 -0.01
C TRP A 271 -8.29 27.57 1.13
N ASP A 272 -7.74 28.34 2.08
CA ASP A 272 -6.91 27.77 3.12
C ASP A 272 -7.71 26.92 4.11
N TRP A 273 -9.04 27.06 4.11
CA TRP A 273 -9.86 26.15 4.90
C TRP A 273 -10.17 24.85 4.16
N VAL A 274 -9.53 24.61 3.02
CA VAL A 274 -9.58 23.34 2.31
C VAL A 274 -8.22 22.68 2.50
N GLY A 275 -8.14 21.73 3.43
CA GLY A 275 -6.92 20.97 3.60
C GLY A 275 -6.58 20.19 2.34
N GLY A 276 -5.27 19.97 2.14
CA GLY A 276 -4.83 19.26 0.94
C GLY A 276 -5.48 17.90 0.81
N ARG A 277 -5.44 17.12 1.89
CA ARG A 277 -6.01 15.77 1.92
C ARG A 277 -7.53 15.76 1.98
N TYR A 278 -8.16 16.94 1.94
CA TYR A 278 -9.60 17.06 1.80
C TYR A 278 -9.97 17.97 0.63
N SER A 279 -9.10 18.07 -0.37
CA SER A 279 -9.19 19.10 -1.40
C SER A 279 -9.75 18.63 -2.75
N LEU A 280 -9.86 17.33 -2.99
CA LEU A 280 -10.32 16.89 -4.30
C LEU A 280 -11.73 17.38 -4.60
N TRP A 281 -12.48 17.76 -3.57
CA TRP A 281 -13.79 18.35 -3.76
C TRP A 281 -13.72 19.77 -4.34
N SER A 282 -12.56 20.41 -4.26
CA SER A 282 -12.40 21.82 -4.58
C SER A 282 -11.93 21.97 -6.02
N ALA A 283 -11.29 23.11 -6.32
CA ALA A 283 -10.58 23.27 -7.58
C ALA A 283 -9.62 22.12 -7.87
N ILE A 284 -9.09 21.48 -6.83
CA ILE A 284 -8.12 20.40 -7.00
C ILE A 284 -8.68 19.24 -7.82
N GLY A 285 -10.00 19.11 -7.87
CA GLY A 285 -10.70 18.07 -8.59
C GLY A 285 -10.76 18.26 -10.10
N LEU A 286 -10.11 19.28 -10.63
CA LEU A 286 -10.27 19.62 -12.04
C LEU A 286 -9.86 18.46 -12.96
N SER A 287 -8.72 17.81 -12.68
CA SER A 287 -8.37 16.65 -13.50
C SER A 287 -9.52 15.64 -13.49
N ILE A 288 -10.22 15.54 -12.36
CA ILE A 288 -11.42 14.71 -12.30
C ILE A 288 -12.53 15.29 -13.17
N VAL A 289 -12.69 16.61 -13.17
CA VAL A 289 -13.69 17.22 -14.03
C VAL A 289 -13.41 16.85 -15.49
N LEU A 290 -12.15 16.96 -15.91
CA LEU A 290 -11.81 16.65 -17.29
C LEU A 290 -11.84 15.17 -17.56
N ALA A 291 -11.55 14.34 -16.54
CA ALA A 291 -11.54 12.89 -16.71
C ALA A 291 -12.95 12.28 -16.87
N VAL A 292 -13.96 12.85 -16.25
CA VAL A 292 -15.28 12.20 -16.29
C VAL A 292 -16.40 13.20 -16.55
N GLY A 293 -16.07 14.44 -16.88
CA GLY A 293 -17.09 15.43 -17.08
C GLY A 293 -17.61 16.02 -15.79
N TYR A 294 -18.17 17.23 -15.90
CA TYR A 294 -18.60 17.97 -14.73
C TYR A 294 -19.88 17.41 -14.12
N ASP A 295 -20.77 16.86 -14.97
CA ASP A 295 -22.00 16.24 -14.46
C ASP A 295 -21.65 15.13 -13.48
N ASN A 296 -20.66 14.30 -13.83
CA ASN A 296 -20.20 13.24 -12.95
C ASN A 296 -19.43 13.79 -11.75
N PHE A 297 -18.81 14.96 -11.89
CA PHE A 297 -18.13 15.58 -10.76
C PHE A 297 -19.14 16.08 -9.75
N GLU A 298 -20.21 16.74 -10.23
CA GLU A 298 -21.33 17.12 -9.37
C GLU A 298 -21.93 15.90 -8.68
N LYS A 299 -22.07 14.79 -9.41
CA LYS A 299 -22.55 13.56 -8.79
C LYS A 299 -21.61 13.10 -7.67
N LEU A 300 -20.31 13.30 -7.86
CA LEU A 300 -19.33 12.98 -6.82
C LEU A 300 -19.53 13.86 -5.60
N LEU A 301 -19.64 15.17 -5.80
CA LEU A 301 -19.87 16.09 -4.69
C LEU A 301 -21.22 15.84 -4.02
N ARG A 302 -22.20 15.31 -4.77
CA ARG A 302 -23.50 15.07 -4.15
C ARG A 302 -23.44 13.85 -3.23
N GLY A 303 -22.75 12.80 -3.65
CA GLY A 303 -22.53 11.66 -2.75
C GLY A 303 -21.87 12.06 -1.45
N ALA A 304 -20.85 12.93 -1.52
CA ALA A 304 -20.21 13.46 -0.31
C ALA A 304 -21.18 14.28 0.55
N GLN A 305 -22.00 15.13 -0.07
CA GLN A 305 -22.95 15.94 0.69
C GLN A 305 -23.98 15.08 1.40
N ASP A 306 -24.38 13.98 0.78
CA ASP A 306 -25.34 13.08 1.39
C ASP A 306 -24.75 12.45 2.65
N THR A 307 -23.54 11.92 2.55
CA THR A 307 -22.80 11.54 3.75
C THR A 307 -22.69 12.73 4.71
N ASP A 308 -22.38 13.92 4.20
CA ASP A 308 -22.34 15.11 5.05
C ASP A 308 -23.61 15.25 5.88
N LYS A 309 -24.76 15.32 5.20
CA LYS A 309 -26.05 15.48 5.87
C LYS A 309 -26.31 14.31 6.83
N HIS A 310 -25.92 13.11 6.43
CA HIS A 310 -26.14 11.94 7.29
C HIS A 310 -25.31 12.06 8.57
N PHE A 311 -24.02 12.38 8.43
CA PHE A 311 -23.15 12.52 9.59
C PHE A 311 -23.63 13.63 10.52
N ARG A 312 -24.16 14.71 9.95
CA ARG A 312 -24.49 15.90 10.74
C ARG A 312 -25.75 15.73 11.58
N ASN A 313 -26.76 15.03 11.07
CA ASN A 313 -28.08 15.03 11.68
C ASN A 313 -28.50 13.71 12.31
N THR A 314 -27.81 12.60 12.00
CA THR A 314 -28.24 11.27 12.43
C THR A 314 -27.74 10.95 13.84
N GLU A 315 -28.63 10.42 14.69
CA GLU A 315 -28.23 10.04 16.04
C GLU A 315 -27.10 9.01 15.96
N PHE A 316 -26.22 9.05 16.97
CA PHE A 316 -24.92 8.38 16.90
C PHE A 316 -25.03 6.87 16.70
N LYS A 317 -26.02 6.23 17.32
CA LYS A 317 -26.18 4.79 17.13
C LYS A 317 -26.46 4.43 15.68
N ASN A 318 -26.95 5.38 14.86
CA ASN A 318 -27.29 5.14 13.47
C ASN A 318 -26.38 5.92 12.53
N ASN A 319 -25.33 6.54 13.06
CA ASN A 319 -24.45 7.44 12.33
C ASN A 319 -23.24 6.65 11.87
N ILE A 320 -23.15 6.39 10.57
CA ILE A 320 -22.13 5.47 10.07
C ILE A 320 -20.71 5.95 10.36
N PRO A 321 -20.31 7.17 9.99
CA PRO A 321 -18.94 7.60 10.32
C PRO A 321 -18.67 7.66 11.82
N VAL A 322 -19.70 7.86 12.66
CA VAL A 322 -19.45 7.88 14.10
C VAL A 322 -19.12 6.48 14.58
N LEU A 323 -19.92 5.49 14.18
CA LEU A 323 -19.60 4.10 14.49
C LEU A 323 -18.20 3.73 14.00
N MET A 324 -17.91 4.01 12.72
CA MET A 324 -16.57 3.72 12.20
C MET A 324 -15.50 4.33 13.10
N GLY A 325 -15.76 5.54 13.59
CA GLY A 325 -14.75 6.23 14.40
C GLY A 325 -14.57 5.59 15.77
N VAL A 326 -15.68 5.42 16.49
CA VAL A 326 -15.59 4.87 17.84
C VAL A 326 -15.14 3.41 17.82
N LEU A 327 -15.46 2.66 16.76
CA LEU A 327 -14.99 1.29 16.70
C LEU A 327 -13.47 1.24 16.53
N GLY A 328 -12.90 2.16 15.76
CA GLY A 328 -11.45 2.19 15.59
C GLY A 328 -10.69 2.58 16.84
N VAL A 329 -11.28 3.45 17.67
CA VAL A 329 -10.68 3.80 18.96
C VAL A 329 -10.61 2.58 19.87
N TRP A 330 -11.72 1.84 19.93
CA TRP A 330 -11.82 0.54 20.60
C TRP A 330 -10.61 -0.32 20.26
N TYR A 331 -10.45 -0.64 18.97
CA TYR A 331 -9.35 -1.52 18.59
C TYR A 331 -8.00 -0.86 18.88
N ARG A 332 -7.87 0.43 18.63
CA ARG A 332 -6.54 1.06 18.67
C ARG A 332 -6.07 1.26 20.10
N ASN A 333 -6.96 1.66 21.00
CA ASN A 333 -6.60 1.98 22.38
C ASN A 333 -6.92 0.88 23.37
N PHE A 334 -7.88 0.01 23.08
CA PHE A 334 -8.20 -1.09 24.00
C PHE A 334 -7.71 -2.44 23.50
N PHE A 335 -7.86 -2.75 22.23
CA PHE A 335 -7.28 -3.97 21.70
C PHE A 335 -5.83 -3.79 21.24
N ASP A 336 -5.25 -2.61 21.45
CA ASP A 336 -3.82 -2.40 21.20
C ASP A 336 -3.45 -2.66 19.73
N ALA A 337 -4.38 -2.44 18.80
CA ALA A 337 -4.15 -2.71 17.38
C ALA A 337 -3.52 -1.49 16.70
N SER A 338 -2.38 -1.70 16.06
CA SER A 338 -1.62 -0.60 15.50
C SER A 338 -2.05 -0.24 14.08
N SER A 339 -2.80 -1.11 13.40
CA SER A 339 -3.16 -0.91 12.01
C SER A 339 -4.66 -1.08 11.80
N TYR A 340 -5.11 -0.65 10.62
CA TYR A 340 -6.49 -0.83 10.18
C TYR A 340 -6.46 -1.09 8.68
N ALA A 341 -6.93 -2.25 8.26
CA ALA A 341 -6.85 -2.62 6.86
C ALA A 341 -8.05 -2.09 6.09
N ILE A 342 -7.81 -1.76 4.83
CA ILE A 342 -8.80 -1.13 3.96
C ILE A 342 -8.85 -2.00 2.71
N LEU A 343 -9.88 -2.84 2.57
CA LEU A 343 -9.87 -3.94 1.61
C LEU A 343 -11.06 -3.81 0.66
N PRO A 344 -10.94 -2.96 -0.37
CA PRO A 344 -12.06 -2.69 -1.27
C PRO A 344 -12.16 -3.76 -2.34
N TYR A 345 -13.28 -4.49 -2.34
CA TYR A 345 -13.49 -5.57 -3.31
C TYR A 345 -13.95 -4.97 -4.64
N SER A 346 -13.02 -4.24 -5.28
CA SER A 346 -13.23 -3.63 -6.59
C SER A 346 -11.90 -3.14 -7.17
N GLN A 347 -11.56 -3.55 -8.40
CA GLN A 347 -10.29 -3.13 -8.98
C GLN A 347 -10.27 -1.64 -9.24
N TYR A 348 -11.44 -1.01 -9.30
CA TYR A 348 -11.51 0.44 -9.46
C TYR A 348 -10.96 1.14 -8.21
N LEU A 349 -11.08 0.52 -7.05
CA LEU A 349 -10.57 1.12 -5.82
C LEU A 349 -9.12 0.73 -5.53
N ASP A 350 -8.29 0.54 -6.57
CA ASP A 350 -6.89 0.17 -6.38
C ASP A 350 -6.06 1.26 -5.73
N ARG A 351 -6.49 2.52 -5.77
CA ARG A 351 -5.76 3.61 -5.13
C ARG A 351 -6.51 4.17 -3.94
N PHE A 352 -7.50 3.44 -3.42
CA PHE A 352 -8.33 3.94 -2.34
C PHE A 352 -7.61 3.84 -1.00
N ALA A 353 -7.01 2.69 -0.74
CA ALA A 353 -6.21 2.54 0.47
C ALA A 353 -5.12 3.59 0.53
N ALA A 354 -4.43 3.81 -0.60
CA ALA A 354 -3.37 4.82 -0.64
C ALA A 354 -3.92 6.21 -0.31
N TYR A 355 -5.14 6.52 -0.75
CA TYR A 355 -5.69 7.85 -0.49
C TYR A 355 -6.02 8.01 0.98
N LEU A 356 -6.66 7.00 1.58
CA LEU A 356 -6.94 7.07 3.01
C LEU A 356 -5.66 7.09 3.84
N GLN A 357 -4.54 6.66 3.29
CA GLN A 357 -3.30 6.78 4.04
C GLN A 357 -3.05 8.23 4.40
N GLN A 358 -3.13 9.13 3.42
CA GLN A 358 -2.91 10.54 3.72
C GLN A 358 -4.06 11.11 4.53
N GLY A 359 -5.30 10.88 4.09
CA GLY A 359 -6.43 11.47 4.78
C GLY A 359 -6.46 11.12 6.25
N ASP A 360 -6.17 9.86 6.57
CA ASP A 360 -6.25 9.40 7.95
C ASP A 360 -4.95 9.66 8.71
N MET A 361 -3.84 9.09 8.22
CA MET A 361 -2.58 9.11 8.98
C MET A 361 -1.97 10.50 9.06
N GLU A 362 -1.99 11.28 7.97
CA GLU A 362 -1.52 12.67 8.10
C GLU A 362 -2.45 13.53 8.94
N SER A 363 -3.75 13.16 9.02
CA SER A 363 -4.65 13.90 9.90
C SER A 363 -4.41 13.56 11.37
N ASN A 364 -4.36 12.29 11.70
CA ASN A 364 -4.41 11.86 13.10
C ASN A 364 -3.10 11.21 13.58
N GLY A 365 -2.03 11.33 12.78
CA GLY A 365 -0.71 10.91 13.20
C GLY A 365 -0.06 11.95 14.07
N LYS A 366 -0.65 12.20 15.23
CA LYS A 366 -0.25 13.28 16.11
C LYS A 366 -0.02 12.70 17.49
N SER A 367 0.81 13.38 18.29
CA SER A 367 1.04 12.96 19.66
C SER A 367 0.93 14.11 20.64
N VAL A 368 0.31 15.22 20.23
CA VAL A 368 0.05 16.35 21.09
C VAL A 368 -1.43 16.70 21.00
N ASP A 369 -2.06 16.91 22.15
CA ASP A 369 -3.49 17.14 22.22
C ASP A 369 -3.83 18.62 21.95
N ARG A 370 -5.12 18.91 21.87
CA ARG A 370 -5.55 20.28 21.60
C ARG A 370 -5.19 21.24 22.72
N ASN A 371 -4.74 20.73 23.87
CA ASN A 371 -4.32 21.56 24.99
C ASN A 371 -2.85 21.96 24.94
N GLY A 372 -2.10 21.45 23.98
CA GLY A 372 -0.67 21.68 23.96
C GLY A 372 0.13 20.60 24.64
N GLU A 373 -0.51 19.51 25.10
CA GLU A 373 0.10 18.49 25.92
C GLU A 373 0.39 17.23 25.12
N PHE A 374 1.51 16.59 25.43
CA PHE A 374 1.80 15.28 24.87
C PHE A 374 0.76 14.27 25.32
N VAL A 375 0.28 13.45 24.38
CA VAL A 375 -0.63 12.37 24.75
C VAL A 375 0.17 11.18 25.26
N ASP A 376 -0.43 10.39 26.13
CA ASP A 376 0.16 9.11 26.55
C ASP A 376 -0.69 7.93 26.13
N TYR A 377 -1.56 8.12 25.14
CA TYR A 377 -2.38 7.06 24.54
C TYR A 377 -2.14 7.06 23.04
N GLU A 378 -2.54 5.98 22.38
CA GLU A 378 -2.29 5.89 20.95
C GLU A 378 -3.31 6.74 20.19
N THR A 379 -2.86 7.38 19.12
CA THR A 379 -3.76 8.14 18.29
C THR A 379 -3.96 7.44 16.94
N GLY A 380 -3.65 8.12 15.84
CA GLY A 380 -3.88 7.57 14.52
C GLY A 380 -3.18 6.23 14.31
N PRO A 381 -3.87 5.29 13.68
CA PRO A 381 -3.25 3.99 13.41
C PRO A 381 -2.60 3.96 12.05
N ILE A 382 -2.03 2.82 11.67
CA ILE A 382 -1.48 2.64 10.33
C ILE A 382 -2.60 2.18 9.39
N ILE A 383 -2.82 2.92 8.32
CA ILE A 383 -3.85 2.61 7.32
C ILE A 383 -3.21 1.91 6.14
N TRP A 384 -3.80 0.80 5.70
CA TRP A 384 -3.19 0.10 4.58
C TRP A 384 -4.20 -0.82 3.94
N GLY A 385 -3.82 -1.39 2.81
CA GLY A 385 -4.67 -2.31 2.09
C GLY A 385 -4.32 -2.42 0.63
N GLU A 386 -5.05 -3.30 -0.03
CA GLU A 386 -5.08 -3.53 -1.47
C GLU A 386 -6.46 -4.07 -1.80
N PRO A 387 -6.92 -3.94 -3.04
CA PRO A 387 -8.25 -4.43 -3.37
C PRO A 387 -8.37 -5.92 -3.14
N GLY A 388 -9.59 -6.38 -2.90
CA GLY A 388 -9.93 -7.77 -3.07
C GLY A 388 -10.40 -8.03 -4.50
N THR A 389 -10.15 -9.23 -4.99
CA THR A 389 -9.64 -10.34 -4.20
C THR A 389 -8.12 -10.37 -4.11
N ASN A 390 -7.44 -9.39 -4.74
CA ASN A 390 -5.98 -9.45 -4.86
C ASN A 390 -5.31 -9.63 -3.50
N GLY A 391 -5.74 -8.87 -2.51
CA GLY A 391 -5.14 -8.98 -1.19
C GLY A 391 -5.17 -10.39 -0.62
N GLN A 392 -6.18 -11.18 -0.99
CA GLN A 392 -6.29 -12.54 -0.44
C GLN A 392 -5.08 -13.39 -0.81
N HIS A 393 -4.37 -13.01 -1.88
CA HIS A 393 -3.22 -13.75 -2.39
C HIS A 393 -1.91 -13.03 -2.09
N ALA A 394 -1.97 -11.94 -1.32
CA ALA A 394 -0.77 -11.25 -0.85
C ALA A 394 -0.62 -11.38 0.66
N PHE A 395 -1.49 -10.77 1.46
CA PHE A 395 -1.30 -10.67 2.90
C PHE A 395 -2.43 -11.22 3.76
N TYR A 396 -3.48 -11.81 3.18
CA TYR A 396 -4.56 -12.29 4.04
C TYR A 396 -4.15 -13.49 4.86
N GLN A 397 -3.10 -14.22 4.42
CA GLN A 397 -2.49 -15.27 5.25
C GLN A 397 -2.11 -14.73 6.62
N LEU A 398 -1.48 -13.55 6.66
CA LEU A 398 -1.09 -12.98 7.94
C LEU A 398 -2.32 -12.56 8.76
N ILE A 399 -3.34 -12.00 8.11
CA ILE A 399 -4.56 -11.62 8.82
C ILE A 399 -5.24 -12.84 9.41
N HIS A 400 -5.26 -13.94 8.66
CA HIS A 400 -5.93 -15.13 9.16
C HIS A 400 -5.11 -15.83 10.24
N GLN A 401 -3.77 -15.80 10.14
CA GLN A 401 -2.98 -16.71 10.97
C GLN A 401 -1.72 -16.12 11.57
N GLY A 402 -1.49 -14.81 11.45
CA GLY A 402 -0.34 -14.19 12.09
C GLY A 402 -0.59 -13.92 13.57
N THR A 403 0.27 -13.11 14.16
CA THR A 403 0.15 -12.73 15.56
C THR A 403 -0.47 -11.36 15.75
N GLU A 404 -0.94 -10.74 14.68
CA GLU A 404 -1.31 -9.33 14.67
C GLU A 404 -2.84 -9.22 14.64
N LEU A 405 -3.39 -8.39 15.52
CA LEU A 405 -4.82 -8.07 15.46
C LEU A 405 -5.03 -6.96 14.43
N ILE A 406 -5.69 -7.29 13.32
CA ILE A 406 -5.88 -6.29 12.26
C ILE A 406 -7.37 -6.12 11.93
N PRO A 407 -8.06 -5.15 12.50
CA PRO A 407 -9.42 -4.84 12.02
C PRO A 407 -9.39 -4.39 10.58
N ALA A 408 -10.48 -4.67 9.83
CA ALA A 408 -10.54 -4.27 8.42
C ALA A 408 -11.93 -3.78 8.00
N ASP A 409 -11.94 -2.94 6.95
CA ASP A 409 -13.17 -2.57 6.24
C ASP A 409 -13.21 -3.30 4.90
N PHE A 410 -14.26 -4.10 4.67
CA PHE A 410 -14.47 -4.79 3.40
C PHE A 410 -15.57 -4.06 2.62
N ILE A 411 -15.21 -3.47 1.47
CA ILE A 411 -16.08 -2.57 0.73
C ILE A 411 -16.45 -3.22 -0.59
N ALA A 412 -17.75 -3.25 -0.93
CA ALA A 412 -18.17 -3.98 -2.12
C ALA A 412 -19.40 -3.34 -2.77
N TYR A 413 -19.68 -3.79 -3.99
CA TYR A 413 -20.81 -3.33 -4.79
C TYR A 413 -21.61 -4.51 -5.31
N ALA A 414 -22.94 -4.44 -5.19
CA ALA A 414 -23.76 -5.55 -5.66
C ALA A 414 -23.67 -5.69 -7.18
N LYS A 415 -23.42 -4.60 -7.88
CA LYS A 415 -23.45 -4.57 -9.34
C LYS A 415 -22.10 -4.12 -9.88
N ALA A 416 -21.63 -4.81 -10.91
CA ALA A 416 -20.42 -4.43 -11.63
C ALA A 416 -20.78 -3.51 -12.80
N ASN A 417 -20.06 -2.39 -12.91
CA ASN A 417 -20.24 -1.51 -14.05
C ASN A 417 -20.01 -2.27 -15.36
N ASN A 418 -19.11 -3.25 -15.34
CA ASN A 418 -18.94 -4.21 -16.43
C ASN A 418 -19.24 -5.58 -15.86
N ASN A 419 -20.40 -6.13 -16.21
CA ASN A 419 -20.80 -7.47 -15.77
C ASN A 419 -20.31 -8.48 -16.79
N LEU A 420 -19.44 -9.40 -16.36
CA LEU A 420 -18.86 -10.42 -17.22
C LEU A 420 -19.12 -11.78 -16.60
N SER A 421 -19.79 -12.66 -17.35
CA SER A 421 -20.08 -14.04 -16.96
C SER A 421 -20.40 -14.15 -15.47
N ASP A 422 -19.64 -14.95 -14.72
CA ASP A 422 -19.87 -15.15 -13.30
C ASP A 422 -18.89 -14.37 -12.44
N HIS A 423 -18.21 -13.38 -13.00
CA HIS A 423 -17.17 -12.65 -12.29
C HIS A 423 -17.68 -12.03 -11.01
N GLN A 424 -18.82 -11.33 -11.07
CA GLN A 424 -19.23 -10.54 -9.92
C GLN A 424 -19.66 -11.43 -8.77
N ASP A 425 -20.43 -12.47 -9.07
CA ASP A 425 -20.82 -13.42 -8.03
C ASP A 425 -19.61 -14.12 -7.44
N LYS A 426 -18.56 -14.34 -8.23
CA LYS A 426 -17.35 -14.94 -7.69
C LYS A 426 -16.61 -13.95 -6.81
N LEU A 427 -16.36 -12.74 -7.31
CA LEU A 427 -15.87 -11.64 -6.49
C LEU A 427 -16.65 -11.57 -5.19
N MET A 428 -17.98 -11.46 -5.29
CA MET A 428 -18.80 -11.28 -4.09
C MET A 428 -18.72 -12.48 -3.17
N SER A 429 -18.58 -13.70 -3.73
CA SER A 429 -18.43 -14.88 -2.89
C SER A 429 -17.21 -14.78 -1.98
N ASN A 430 -16.12 -14.20 -2.47
CA ASN A 430 -14.96 -14.00 -1.62
C ASN A 430 -15.26 -12.96 -0.55
N PHE A 431 -15.84 -11.83 -0.97
CA PHE A 431 -16.17 -10.75 -0.05
C PHE A 431 -16.90 -11.26 1.20
N PHE A 432 -17.95 -12.07 1.01
CA PHE A 432 -18.69 -12.62 2.14
C PHE A 432 -17.86 -13.62 2.93
N ALA A 433 -17.10 -14.48 2.23
CA ALA A 433 -16.45 -15.60 2.91
C ALA A 433 -15.28 -15.13 3.77
N GLN A 434 -14.55 -14.10 3.34
CA GLN A 434 -13.33 -13.73 4.05
C GLN A 434 -13.63 -13.03 5.37
N THR A 435 -14.71 -12.24 5.45
CA THR A 435 -15.11 -11.68 6.74
C THR A 435 -15.77 -12.72 7.62
N GLU A 436 -16.43 -13.72 7.01
CA GLU A 436 -16.97 -14.84 7.77
C GLU A 436 -15.84 -15.71 8.33
N ALA A 437 -14.86 -16.05 7.48
CA ALA A 437 -13.69 -16.79 7.93
C ALA A 437 -12.91 -16.01 8.99
N LEU A 438 -12.70 -14.70 8.77
CA LEU A 438 -11.94 -13.92 9.74
C LEU A 438 -12.65 -13.88 11.09
N ALA A 439 -13.98 -13.88 11.08
CA ALA A 439 -14.74 -13.72 12.31
C ALA A 439 -14.75 -15.00 13.14
N PHE A 440 -15.00 -16.14 12.51
CA PHE A 440 -15.27 -17.36 13.24
C PHE A 440 -14.17 -18.40 13.12
N GLY A 441 -13.28 -18.28 12.15
CA GLY A 441 -12.21 -19.25 12.04
C GLY A 441 -12.69 -20.67 11.77
N LYS A 442 -11.83 -21.62 12.13
CA LYS A 442 -12.10 -23.05 11.96
C LYS A 442 -11.34 -23.79 13.06
N THR A 443 -12.09 -24.56 13.86
CA THR A 443 -11.61 -25.12 15.11
C THR A 443 -10.80 -26.39 14.89
N LYS A 444 -10.10 -26.78 15.95
CA LYS A 444 -9.33 -28.01 15.94
C LYS A 444 -10.17 -29.19 15.46
N GLU A 445 -11.37 -29.33 16.04
CA GLU A 445 -12.22 -30.45 15.66
C GLU A 445 -12.64 -30.34 14.20
N GLN A 446 -12.94 -29.13 13.75
CA GLN A 446 -13.20 -28.89 12.34
C GLN A 446 -12.00 -29.34 11.50
N VAL A 447 -10.79 -29.14 12.01
CA VAL A 447 -9.61 -29.49 11.25
C VAL A 447 -9.40 -31.01 11.23
N ILE A 448 -9.43 -31.65 12.40
CA ILE A 448 -9.23 -33.09 12.48
CA ILE A 448 -9.19 -33.09 12.44
C ILE A 448 -10.18 -33.81 11.53
N THR A 449 -11.44 -33.35 11.52
CA THR A 449 -12.48 -33.93 10.66
C THR A 449 -12.09 -33.86 9.19
N GLU A 450 -11.71 -32.66 8.72
CA GLU A 450 -11.30 -32.53 7.33
C GLU A 450 -10.05 -33.35 7.02
N LEU A 451 -9.19 -33.55 8.01
CA LEU A 451 -7.95 -34.30 7.82
C LEU A 451 -8.20 -35.80 7.75
N LYS A 452 -9.05 -36.34 8.62
CA LYS A 452 -9.44 -37.75 8.49
C LYS A 452 -10.11 -37.99 7.14
N ALA A 453 -11.02 -37.08 6.75
CA ALA A 453 -11.66 -37.18 5.45
C ALA A 453 -10.67 -37.03 4.30
N SER A 454 -9.50 -36.43 4.57
CA SER A 454 -8.39 -36.35 3.63
C SER A 454 -7.53 -37.59 3.61
N GLY A 455 -7.78 -38.56 4.50
CA GLY A 455 -7.02 -39.79 4.53
C GLY A 455 -5.65 -39.71 5.17
N LYS A 456 -5.40 -38.69 5.98
CA LYS A 456 -4.13 -38.60 6.68
C LYS A 456 -4.07 -39.60 7.83
N ASN A 457 -2.89 -40.17 8.04
CA ASN A 457 -2.68 -41.00 9.22
C ASN A 457 -2.55 -40.11 10.45
N GLU A 458 -2.79 -40.71 11.62
CA GLU A 458 -2.83 -39.94 12.87
C GLU A 458 -1.54 -39.15 13.09
N GLU A 459 -0.41 -39.68 12.62
CA GLU A 459 0.83 -38.93 12.71
C GLU A 459 0.77 -37.66 11.85
N GLU A 460 0.34 -37.81 10.58
CA GLU A 460 0.12 -36.62 9.75
C GLU A 460 -0.85 -35.67 10.42
N ILE A 461 -2.01 -36.21 10.84
CA ILE A 461 -3.04 -35.41 11.49
C ILE A 461 -2.47 -34.65 12.67
N ALA A 462 -1.74 -35.36 13.55
CA ALA A 462 -1.12 -34.72 14.71
C ALA A 462 -0.31 -33.51 14.31
N PHE A 463 0.72 -33.73 13.51
CA PHE A 463 1.63 -32.67 13.11
C PHE A 463 0.90 -31.50 12.48
N LEU A 464 -0.17 -31.77 11.74
CA LEU A 464 -0.74 -30.77 10.85
C LEU A 464 -1.84 -29.91 11.47
N THR A 465 -2.40 -30.30 12.61
CA THR A 465 -3.68 -29.71 13.01
C THR A 465 -3.54 -28.23 13.29
N ASN A 466 -2.53 -27.83 14.07
CA ASN A 466 -2.42 -26.44 14.47
C ASN A 466 -2.15 -25.53 13.27
N PHE A 467 -1.40 -26.01 12.28
CA PHE A 467 -1.09 -25.21 11.10
C PHE A 467 -2.35 -24.90 10.28
N LYS A 468 -3.38 -25.72 10.36
CA LYS A 468 -4.61 -25.51 9.61
C LYS A 468 -5.74 -24.91 10.44
N THR A 469 -5.47 -24.55 11.70
CA THR A 469 -6.47 -23.94 12.57
C THR A 469 -6.57 -22.44 12.29
N PHE A 470 -7.77 -21.90 12.49
CA PHE A 470 -8.04 -20.48 12.40
C PHE A 470 -8.76 -20.07 13.68
N THR A 471 -8.11 -19.30 14.55
CA THR A 471 -8.81 -18.86 15.75
C THR A 471 -9.85 -17.79 15.46
N GLY A 472 -9.95 -17.30 14.22
CA GLY A 472 -10.95 -16.30 13.91
C GLY A 472 -10.75 -15.08 14.76
N ASN A 473 -11.87 -14.45 15.15
CA ASN A 473 -11.86 -13.28 16.04
C ASN A 473 -11.09 -12.09 15.44
N THR A 474 -11.07 -12.00 14.10
CA THR A 474 -10.66 -10.75 13.47
C THR A 474 -11.91 -9.95 13.14
N PRO A 475 -11.98 -8.69 13.57
CA PRO A 475 -13.18 -7.88 13.36
C PRO A 475 -13.13 -7.14 12.04
N THR A 476 -14.32 -6.98 11.45
CA THR A 476 -14.47 -6.34 10.15
C THR A 476 -15.76 -5.54 10.10
N ASN A 477 -15.74 -4.48 9.30
CA ASN A 477 -16.95 -3.85 8.78
C ASN A 477 -17.12 -4.25 7.34
N SER A 478 -18.37 -4.43 6.93
CA SER A 478 -18.72 -4.75 5.55
C SER A 478 -19.64 -3.68 4.99
N PHE A 479 -19.26 -3.10 3.85
CA PHE A 479 -20.05 -2.12 3.15
C PHE A 479 -20.56 -2.78 1.88
N ILE A 480 -21.85 -2.65 1.62
CA ILE A 480 -22.40 -2.99 0.32
C ILE A 480 -23.13 -1.75 -0.21
N PHE A 481 -22.56 -1.13 -1.23
CA PHE A 481 -23.27 -0.18 -2.08
C PHE A 481 -23.88 -0.96 -3.24
N GLU A 482 -24.81 -0.33 -3.95
CA GLU A 482 -25.40 -1.04 -5.08
C GLU A 482 -24.49 -1.06 -6.29
N GLU A 483 -23.78 0.05 -6.53
CA GLU A 483 -22.98 0.18 -7.74
C GLU A 483 -21.98 1.30 -7.50
N LEU A 484 -20.79 1.15 -8.10
CA LEU A 484 -19.77 2.19 -8.05
C LEU A 484 -20.11 3.29 -9.06
N THR A 485 -20.51 4.44 -8.58
CA THR A 485 -20.78 5.63 -9.36
C THR A 485 -20.05 6.80 -8.73
N PRO A 486 -20.03 7.95 -9.40
CA PRO A 486 -19.54 9.15 -8.72
C PRO A 486 -20.24 9.41 -7.40
N PHE A 487 -21.57 9.27 -7.37
CA PHE A 487 -22.31 9.52 -6.14
C PHE A 487 -21.83 8.59 -5.02
N THR A 488 -21.88 7.28 -5.24
CA THR A 488 -21.51 6.35 -4.17
C THR A 488 -20.04 6.49 -3.79
N LEU A 489 -19.18 6.84 -4.74
CA LEU A 489 -17.80 7.13 -4.39
C LEU A 489 -17.72 8.37 -3.52
N GLY A 490 -18.53 9.38 -3.83
CA GLY A 490 -18.57 10.56 -2.97
C GLY A 490 -19.04 10.24 -1.57
N GLN A 491 -20.07 9.38 -1.45
CA GLN A 491 -20.48 8.91 -0.13
C GLN A 491 -19.31 8.25 0.58
N LEU A 492 -18.67 7.29 -0.08
CA LEU A 492 -17.71 6.43 0.61
C LEU A 492 -16.49 7.20 1.06
N ILE A 493 -15.96 8.11 0.23
CA ILE A 493 -14.84 8.95 0.66
C ILE A 493 -15.22 9.78 1.88
N ALA A 494 -16.43 10.36 1.87
CA ALA A 494 -16.80 11.28 2.94
C ALA A 494 -17.14 10.56 4.24
N PHE A 495 -17.52 9.28 4.16
CA PHE A 495 -17.66 8.45 5.35
C PHE A 495 -16.35 8.42 6.12
N TYR A 496 -15.23 8.21 5.41
CA TYR A 496 -13.92 8.12 6.05
C TYR A 496 -13.43 9.48 6.51
N GLU A 497 -13.64 10.52 5.71
CA GLU A 497 -13.37 11.88 6.16
C GLU A 497 -13.97 12.13 7.53
N HIS A 498 -15.25 11.77 7.68
CA HIS A 498 -15.89 12.00 8.96
C HIS A 498 -15.49 10.96 10.01
N LYS A 499 -15.06 9.77 9.60
CA LYS A 499 -14.42 8.87 10.53
C LYS A 499 -13.22 9.53 11.20
N ILE A 500 -12.31 10.08 10.37
CA ILE A 500 -11.09 10.70 10.87
C ILE A 500 -11.42 11.86 11.79
N PHE A 501 -12.42 12.67 11.41
CA PHE A 501 -12.84 13.78 12.27
C PHE A 501 -13.26 13.25 13.63
N VAL A 502 -14.16 12.28 13.64
CA VAL A 502 -14.66 11.73 14.91
C VAL A 502 -13.49 11.33 15.79
N GLN A 503 -12.65 10.42 15.28
CA GLN A 503 -11.50 9.96 16.03
C GLN A 503 -10.61 11.11 16.46
N GLY A 504 -10.43 12.11 15.59
CA GLY A 504 -9.66 13.28 16.00
C GLY A 504 -10.28 13.96 17.21
N VAL A 505 -11.61 14.13 17.18
CA VAL A 505 -12.31 14.77 18.29
C VAL A 505 -12.11 13.98 19.59
N ILE A 506 -12.29 12.65 19.54
CA ILE A 506 -12.15 11.86 20.75
C ILE A 506 -10.71 11.85 21.24
N TRP A 507 -9.79 11.54 20.34
CA TRP A 507 -8.37 11.50 20.70
C TRP A 507 -7.87 12.85 21.20
N ASN A 508 -8.62 13.92 20.96
CA ASN A 508 -8.31 15.24 21.48
C ASN A 508 -7.10 15.83 20.74
N ILE A 509 -7.02 15.62 19.43
CA ILE A 509 -5.90 16.13 18.63
C ILE A 509 -6.39 17.12 17.57
N PHE A 510 -5.46 17.59 16.75
CA PHE A 510 -5.76 18.47 15.62
C PHE A 510 -5.62 17.66 14.33
N SER A 511 -6.75 17.37 13.71
CA SER A 511 -6.80 16.53 12.51
C SER A 511 -6.46 17.29 11.25
N PHE A 512 -6.24 18.60 11.32
CA PHE A 512 -6.23 19.41 10.11
C PHE A 512 -4.94 20.18 9.88
N ASP A 513 -4.01 20.16 10.82
CA ASP A 513 -2.66 20.65 10.57
C ASP A 513 -1.75 19.47 10.24
N GLN A 514 -0.52 19.80 9.83
CA GLN A 514 0.46 18.78 9.55
C GLN A 514 1.85 19.38 9.81
N TRP A 515 2.12 19.74 11.06
CA TRP A 515 3.41 20.33 11.38
C TRP A 515 4.55 19.32 11.25
N GLY A 516 4.24 18.03 11.22
CA GLY A 516 5.25 17.00 11.18
C GLY A 516 6.02 16.89 9.87
N VAL A 517 5.62 17.61 8.82
CA VAL A 517 6.39 17.58 7.58
C VAL A 517 7.52 18.61 7.56
N GLU A 518 7.59 19.51 8.53
CA GLU A 518 8.48 20.66 8.39
C GLU A 518 9.95 20.30 8.54
N LEU A 519 10.28 19.32 9.40
CA LEU A 519 11.70 19.06 9.68
C LEU A 519 12.37 18.35 8.52
N GLY A 520 11.68 17.38 7.90
CA GLY A 520 12.21 16.79 6.68
C GLY A 520 12.45 17.85 5.61
N LYS A 521 11.50 18.78 5.44
CA LYS A 521 11.66 19.83 4.44
C LYS A 521 12.88 20.71 4.71
N ALA A 522 13.08 21.10 5.97
CA ALA A 522 14.20 21.98 6.33
C ALA A 522 15.53 21.27 6.16
N LEU A 523 15.65 20.06 6.70
CA LEU A 523 16.92 19.38 6.56
C LEU A 523 17.27 19.13 5.09
N ALA A 524 16.26 18.98 4.23
CA ALA A 524 16.50 18.75 2.81
C ALA A 524 17.00 20.01 2.12
N ASN A 525 16.54 21.18 2.57
CA ASN A 525 17.03 22.43 2.05
C ASN A 525 18.49 22.68 2.42
N LYS A 526 18.96 22.14 3.55
CA LYS A 526 20.38 22.26 3.89
C LYS A 526 21.23 21.35 3.02
N ILE A 527 20.77 20.12 2.79
CA ILE A 527 21.56 19.15 2.05
C ILE A 527 21.59 19.46 0.55
N LEU A 528 20.49 20.03 0.00
CA LEU A 528 20.44 20.22 -1.46
C LEU A 528 21.70 20.90 -1.98
N PRO A 529 22.09 22.09 -1.51
CA PRO A 529 23.32 22.70 -2.06
C PRO A 529 24.56 21.88 -1.77
N GLU A 530 24.53 21.05 -0.74
CA GLU A 530 25.70 20.26 -0.37
C GLU A 530 25.97 19.18 -1.40
N LEU A 531 24.92 18.63 -2.02
CA LEU A 531 25.09 17.63 -3.05
C LEU A 531 25.56 18.22 -4.37
N GLU A 532 25.37 19.53 -4.56
CA GLU A 532 25.68 20.14 -5.85
C GLU A 532 27.16 20.48 -5.98
N ASN A 533 27.85 20.80 -4.88
CA ASN A 533 29.27 21.08 -4.98
C ASN A 533 30.03 19.77 -4.97
N THR A 534 31.35 19.86 -4.89
CA THR A 534 32.23 18.70 -5.04
C THR A 534 33.02 18.39 -3.78
N ALA A 535 32.60 18.93 -2.64
CA ALA A 535 33.37 18.81 -1.42
C ALA A 535 32.93 17.59 -0.61
N GLU A 536 33.87 17.04 0.14
CA GLU A 536 33.52 16.04 1.13
C GLU A 536 32.64 16.69 2.19
N ILE A 537 31.45 16.15 2.38
CA ILE A 537 30.51 16.75 3.32
C ILE A 537 30.75 16.11 4.67
N THR A 538 30.87 16.96 5.70
CA THR A 538 31.19 16.56 7.06
C THR A 538 30.27 17.25 8.06
N SER A 539 29.19 17.86 7.60
CA SER A 539 28.45 18.81 8.42
C SER A 539 27.34 18.18 9.24
N HIS A 540 26.99 16.91 9.01
CA HIS A 540 25.91 16.23 9.70
C HIS A 540 26.44 15.19 10.68
N ASP A 541 25.59 14.24 11.07
CA ASP A 541 26.05 13.04 11.74
C ASP A 541 26.85 12.18 10.78
N SER A 542 27.52 11.16 11.32
CA SER A 542 28.39 10.31 10.52
C SER A 542 27.62 9.51 9.46
N SER A 543 26.37 9.14 9.74
CA SER A 543 25.60 8.40 8.74
C SER A 543 25.22 9.29 7.57
N THR A 544 24.63 10.46 7.86
CA THR A 544 24.27 11.38 6.79
C THR A 544 25.50 11.83 6.02
N ASN A 545 26.63 11.98 6.72
CA ASN A 545 27.87 12.29 6.03
C ASN A 545 28.24 11.15 5.08
N GLY A 546 28.26 9.91 5.58
CA GLY A 546 28.63 8.78 4.74
C GLY A 546 27.71 8.58 3.54
N LEU A 547 26.39 8.60 3.78
CA LEU A 547 25.42 8.44 2.69
C LEU A 547 25.63 9.50 1.60
N ILE A 548 25.78 10.77 2.00
CA ILE A 548 26.01 11.86 1.05
C ILE A 548 27.31 11.66 0.28
N ASN A 549 28.43 11.43 0.97
CA ASN A 549 29.71 11.32 0.26
C ASN A 549 29.71 10.11 -0.66
N PHE A 550 29.12 9.00 -0.20
CA PHE A 550 28.99 7.83 -1.07
C PHE A 550 28.23 8.21 -2.35
N TYR A 551 27.14 8.96 -2.20
CA TYR A 551 26.34 9.40 -3.34
C TYR A 551 27.14 10.29 -4.30
N LYS A 552 27.98 11.18 -3.77
CA LYS A 552 28.79 12.04 -4.65
C LYS A 552 29.77 11.23 -5.48
N LYS A 553 30.31 10.14 -4.91
CA LYS A 553 31.25 9.33 -5.66
C LYS A 553 30.55 8.46 -6.69
N HIS A 554 29.24 8.26 -6.58
CA HIS A 554 28.53 7.40 -7.51
C HIS A 554 27.43 8.11 -8.29
N LYS A 555 27.26 9.42 -8.13
CA LYS A 555 26.27 10.14 -8.91
C LYS A 555 26.80 10.42 -10.33
N SER B 10 13.03 -30.68 8.64
CA SER B 10 14.44 -30.71 8.25
C SER B 10 15.24 -29.60 8.94
N LEU B 11 14.68 -28.39 9.02
CA LEU B 11 15.35 -27.33 9.77
C LEU B 11 15.41 -27.69 11.25
N ASN B 12 16.37 -27.08 11.95
CA ASN B 12 16.32 -27.06 13.40
C ASN B 12 15.05 -26.36 13.88
N THR B 13 14.52 -26.82 15.00
CA THR B 13 13.26 -26.30 15.50
C THR B 13 13.43 -25.54 16.82
N ILE B 14 14.38 -24.60 16.86
CA ILE B 14 14.77 -23.92 18.08
C ILE B 14 13.75 -22.82 18.40
N ASN B 15 13.08 -22.96 19.55
CA ASN B 15 12.25 -21.88 20.08
C ASN B 15 13.13 -20.69 20.39
N PRO B 16 12.95 -19.54 19.73
CA PRO B 16 13.87 -18.42 19.97
C PRO B 16 13.76 -17.80 21.34
N THR B 17 12.61 -17.91 22.00
CA THR B 17 12.48 -17.41 23.36
C THR B 17 13.25 -18.28 24.35
N GLU B 18 13.59 -19.51 24.00
CA GLU B 18 14.31 -20.41 24.89
C GLU B 18 15.84 -20.21 24.84
N THR B 19 16.35 -19.33 23.99
CA THR B 19 17.79 -19.21 23.85
C THR B 19 18.38 -18.31 24.94
N LYS B 20 19.67 -18.54 25.23
CA LYS B 20 20.41 -17.62 26.08
C LYS B 20 20.48 -16.23 25.45
N ALA B 21 20.74 -16.17 24.15
CA ALA B 21 20.78 -14.88 23.46
C ALA B 21 19.50 -14.09 23.67
N TRP B 22 18.35 -14.77 23.58
CA TRP B 22 17.08 -14.13 23.85
C TRP B 22 17.07 -13.48 25.23
N ALA B 23 17.32 -14.29 26.27
CA ALA B 23 17.30 -13.76 27.63
C ALA B 23 18.25 -12.59 27.78
N GLN B 24 19.40 -12.62 27.09
CA GLN B 24 20.37 -11.54 27.22
C GLN B 24 19.89 -10.29 26.49
N LEU B 25 19.36 -10.45 25.28
CA LEU B 25 18.72 -9.32 24.60
C LEU B 25 17.63 -8.73 25.48
N LYS B 26 16.74 -9.58 26.00
CA LYS B 26 15.73 -9.10 26.93
C LYS B 26 16.37 -8.35 28.10
N GLU B 27 17.45 -8.92 28.67
CA GLU B 27 18.18 -8.23 29.73
C GLU B 27 18.81 -6.93 29.22
N HIS B 28 19.41 -6.96 28.02
CA HIS B 28 20.06 -5.77 27.49
C HIS B 28 19.05 -4.70 27.13
N PHE B 29 17.98 -5.09 26.44
CA PHE B 29 16.94 -4.14 26.10
C PHE B 29 16.31 -3.56 27.36
N ALA B 30 16.23 -4.36 28.43
CA ALA B 30 15.54 -3.91 29.62
C ALA B 30 16.30 -2.80 30.34
N GLU B 31 17.63 -2.80 30.29
CA GLU B 31 18.38 -1.83 31.09
CA GLU B 31 18.48 -1.92 31.07
C GLU B 31 19.23 -0.90 30.22
N THR B 32 18.88 -0.75 28.95
CA THR B 32 19.61 0.15 28.07
C THR B 32 18.62 1.06 27.37
N ASP B 33 18.83 2.37 27.51
CA ASP B 33 18.09 3.36 26.74
C ASP B 33 18.81 3.55 25.42
N PHE B 34 18.11 3.28 24.33
CA PHE B 34 18.65 3.45 22.99
C PHE B 34 18.18 4.79 22.45
N ASP B 35 19.15 5.59 22.02
CA ASP B 35 18.87 6.93 21.56
C ASP B 35 19.90 7.24 20.49
N LEU B 36 19.43 7.49 19.27
CA LEU B 36 20.34 7.68 18.15
C LEU B 36 21.24 8.88 18.37
N LYS B 37 20.67 9.96 18.91
CA LYS B 37 21.44 11.20 19.10
C LYS B 37 22.61 10.98 20.04
N GLN B 38 22.44 10.17 21.08
CA GLN B 38 23.54 9.82 21.97
C GLN B 38 24.55 8.90 21.28
N LEU B 39 24.05 7.89 20.57
CA LEU B 39 24.93 6.89 19.96
C LEU B 39 25.86 7.52 18.93
N PHE B 40 25.34 8.44 18.12
CA PHE B 40 26.20 9.12 17.14
C PHE B 40 27.13 10.13 17.82
N THR B 41 26.64 10.85 18.82
CA THR B 41 27.47 11.87 19.49
C THR B 41 28.59 11.23 20.31
N GLU B 42 28.38 10.02 20.84
CA GLU B 42 29.43 9.35 21.60
C GLU B 42 30.55 8.81 20.70
N ASP B 43 30.31 8.56 19.42
CA ASP B 43 31.29 7.87 18.60
C ASP B 43 31.23 8.39 17.19
N LYS B 44 32.31 9.01 16.73
CA LYS B 44 32.33 9.52 15.36
C LYS B 44 32.38 8.40 14.33
N SER B 45 32.81 7.19 14.71
CA SER B 45 32.96 6.08 13.78
C SER B 45 31.71 5.21 13.66
N ARG B 46 30.60 5.62 14.28
CA ARG B 46 29.41 4.78 14.28
C ARG B 46 28.94 4.45 12.86
N PHE B 47 29.01 5.41 11.95
CA PHE B 47 28.66 5.10 10.55
C PHE B 47 29.58 4.02 9.97
N SER B 48 30.90 4.24 10.04
CA SER B 48 31.81 3.26 9.44
C SER B 48 31.64 1.89 10.07
N GLU B 49 31.36 1.84 11.38
CA GLU B 49 31.19 0.56 12.07
C GLU B 49 29.88 -0.12 11.70
N PHE B 50 28.83 0.67 11.49
CA PHE B 50 27.48 0.14 11.35
C PHE B 50 26.94 0.27 9.93
N SER B 51 27.82 0.01 8.96
CA SER B 51 27.44 0.05 7.55
C SER B 51 28.31 -0.96 6.81
N ILE B 52 27.78 -1.45 5.69
CA ILE B 52 28.52 -2.33 4.81
C ILE B 52 28.57 -1.68 3.44
N GLN B 53 29.76 -1.68 2.83
CA GLN B 53 29.96 -1.20 1.47
C GLN B 53 30.36 -2.38 0.60
N LYS B 54 29.57 -2.64 -0.44
CA LYS B 54 29.73 -3.81 -1.29
C LYS B 54 29.76 -3.33 -2.74
N GLU B 55 30.96 -3.00 -3.24
CA GLU B 55 31.16 -2.50 -4.60
C GLU B 55 30.29 -1.27 -4.81
N ASN B 56 29.37 -1.26 -5.79
CA ASN B 56 28.47 -0.14 -6.05
C ASN B 56 27.20 -0.28 -5.21
N LEU B 57 27.37 -0.32 -3.89
CA LEU B 57 26.25 -0.55 -2.99
C LEU B 57 26.64 -0.17 -1.57
N LEU B 58 25.87 0.74 -0.97
CA LEU B 58 26.01 1.09 0.44
C LEU B 58 24.78 0.59 1.20
N PHE B 59 25.00 -0.20 2.25
CA PHE B 59 23.93 -0.63 3.16
C PHE B 59 24.25 -0.05 4.53
N ASP B 60 23.62 1.07 4.85
CA ASP B 60 23.90 1.79 6.08
C ASP B 60 22.83 1.45 7.10
N PHE B 61 23.20 0.64 8.10
CA PHE B 61 22.30 0.25 9.19
C PHE B 61 22.64 0.96 10.49
N SER B 62 23.30 2.11 10.43
CA SER B 62 23.74 2.77 11.65
C SER B 62 22.65 3.58 12.31
N LYS B 63 21.64 4.03 11.56
CA LYS B 63 20.53 4.73 12.16
C LYS B 63 19.55 3.77 12.80
N ASN B 64 19.99 2.55 13.10
CA ASN B 64 19.17 1.59 13.85
C ASN B 64 19.32 1.85 15.33
N LEU B 65 18.37 1.30 16.11
CA LEU B 65 18.33 1.50 17.54
C LEU B 65 19.07 0.35 18.23
N VAL B 66 20.39 0.34 18.00
CA VAL B 66 21.24 -0.72 18.52
C VAL B 66 22.58 -0.09 18.87
N ASP B 67 23.06 -0.37 20.07
CA ASP B 67 24.46 -0.18 20.42
C ASP B 67 25.22 -1.43 20.01
N LYS B 68 26.50 -1.48 20.34
CA LYS B 68 27.35 -2.58 19.88
C LYS B 68 26.97 -3.90 20.56
N LYS B 69 26.62 -3.86 21.85
CA LYS B 69 26.22 -5.08 22.55
C LYS B 69 24.94 -5.66 21.97
N ALA B 70 23.99 -4.80 21.61
CA ALA B 70 22.76 -5.26 20.95
C ALA B 70 23.08 -5.95 19.63
N PHE B 71 23.93 -5.32 18.81
CA PHE B 71 24.29 -5.89 17.51
C PHE B 71 24.97 -7.24 17.67
N GLN B 72 25.84 -7.37 18.68
CA GLN B 72 26.51 -8.65 18.90
C GLN B 72 25.51 -9.72 19.34
N LEU B 73 24.63 -9.39 20.29
CA LEU B 73 23.64 -10.36 20.76
C LEU B 73 22.62 -10.71 19.67
N LEU B 74 22.27 -9.75 18.80
CA LEU B 74 21.38 -10.10 17.70
C LEU B 74 22.02 -11.16 16.84
N LEU B 75 23.33 -11.05 16.61
CA LEU B 75 24.03 -12.02 15.78
C LEU B 75 24.05 -13.39 16.43
N ALA B 76 24.27 -13.44 17.75
CA ALA B 76 24.39 -14.75 18.40
C ALA B 76 23.04 -15.43 18.51
N LEU B 77 21.96 -14.66 18.63
CA LEU B 77 20.63 -15.24 18.48
C LEU B 77 20.52 -16.01 17.17
N ALA B 78 20.99 -15.39 16.07
CA ALA B 78 20.95 -16.09 14.79
C ALA B 78 21.89 -17.30 14.82
N GLU B 79 23.02 -17.18 15.52
CA GLU B 79 23.93 -18.31 15.64
C GLU B 79 23.32 -19.42 16.50
N GLU B 80 22.72 -19.04 17.63
CA GLU B 80 22.04 -20.03 18.47
C GLU B 80 20.89 -20.70 17.73
N CYS B 81 20.31 -20.04 16.74
CA CYS B 81 19.22 -20.65 15.99
C CYS B 81 19.72 -21.48 14.81
N HIS B 82 21.03 -21.73 14.75
CA HIS B 82 21.61 -22.55 13.68
C HIS B 82 21.27 -22.00 12.30
N LEU B 83 21.36 -20.67 12.16
CA LEU B 83 21.08 -20.07 10.86
C LEU B 83 22.02 -20.59 9.78
N ASN B 84 23.32 -20.69 10.08
CA ASN B 84 24.27 -21.26 9.10
C ASN B 84 23.73 -22.55 8.52
N ASP B 85 23.23 -23.43 9.38
CA ASP B 85 22.76 -24.74 8.94
C ASP B 85 21.46 -24.61 8.15
N ALA B 86 20.61 -23.66 8.54
CA ALA B 86 19.35 -23.45 7.81
C ALA B 86 19.62 -23.00 6.38
N ILE B 87 20.55 -22.06 6.21
CA ILE B 87 20.89 -21.54 4.89
C ILE B 87 21.26 -22.68 3.94
N GLU B 88 22.17 -23.55 4.37
CA GLU B 88 22.60 -24.67 3.52
C GLU B 88 21.44 -25.60 3.20
N LYS B 89 20.61 -25.94 4.21
CA LYS B 89 19.55 -26.91 3.97
C LYS B 89 18.56 -26.42 2.92
N MET B 90 18.33 -25.10 2.83
CA MET B 90 17.52 -24.57 1.74
C MET B 90 18.29 -24.59 0.42
N PHE B 91 19.49 -24.01 0.42
CA PHE B 91 20.30 -23.95 -0.80
C PHE B 91 20.55 -25.34 -1.40
N THR B 92 20.83 -26.33 -0.55
CA THR B 92 21.15 -27.66 -1.05
C THR B 92 19.91 -28.46 -1.46
N GLY B 93 18.72 -27.94 -1.20
CA GLY B 93 17.50 -28.60 -1.61
C GLY B 93 16.89 -29.55 -0.61
N ASP B 94 17.24 -29.47 0.68
CA ASP B 94 16.54 -30.27 1.67
C ASP B 94 15.09 -29.80 1.78
N LEU B 95 14.23 -30.70 2.25
CA LEU B 95 12.79 -30.47 2.19
C LEU B 95 12.32 -29.67 3.41
N ILE B 96 12.83 -28.43 3.50
CA ILE B 96 12.58 -27.62 4.68
C ILE B 96 11.16 -27.10 4.75
N ASN B 97 10.39 -27.19 3.66
CA ASN B 97 8.96 -26.87 3.66
C ASN B 97 8.21 -28.14 4.07
N GLN B 98 8.23 -28.42 5.38
CA GLN B 98 7.87 -29.74 5.89
C GLN B 98 6.37 -30.00 5.81
N THR B 99 5.54 -28.99 6.07
CA THR B 99 4.10 -29.23 6.05
C THR B 99 3.61 -29.59 4.65
N GLU B 100 4.34 -29.21 3.61
CA GLU B 100 4.03 -29.63 2.25
C GLU B 100 5.08 -30.58 1.68
N ASN B 101 6.09 -30.95 2.47
CA ASN B 101 7.16 -31.86 2.08
C ASN B 101 7.78 -31.45 0.73
N ARG B 102 8.37 -30.28 0.72
CA ARG B 102 8.92 -29.71 -0.51
C ARG B 102 10.24 -29.04 -0.19
N ALA B 103 11.17 -29.15 -1.13
CA ALA B 103 12.34 -28.29 -1.08
C ALA B 103 11.91 -26.84 -1.32
N VAL B 104 12.86 -25.92 -1.14
CA VAL B 104 12.65 -24.50 -1.36
C VAL B 104 13.83 -24.04 -2.21
N LEU B 105 13.62 -23.89 -3.52
CA LEU B 105 14.76 -23.77 -4.42
C LEU B 105 14.58 -22.65 -5.43
N HIS B 106 14.02 -21.52 -5.00
CA HIS B 106 14.02 -20.37 -5.87
C HIS B 106 15.45 -19.90 -6.12
N THR B 107 16.33 -20.07 -5.14
CA THR B 107 17.73 -19.69 -5.34
C THR B 107 18.36 -20.47 -6.50
N ALA B 108 17.84 -21.67 -6.80
CA ALA B 108 18.41 -22.48 -7.88
C ALA B 108 17.97 -21.99 -9.25
N LEU B 109 16.77 -21.38 -9.32
CA LEU B 109 16.31 -20.76 -10.56
C LEU B 109 17.35 -19.84 -11.18
N ARG B 110 18.25 -19.27 -10.36
CA ARG B 110 19.14 -18.21 -10.82
C ARG B 110 20.60 -18.53 -10.48
N ASN B 111 20.95 -19.80 -10.38
CA ASN B 111 22.33 -20.18 -10.10
C ASN B 111 23.11 -20.54 -11.36
N PHE B 112 22.41 -20.73 -12.48
CA PHE B 112 23.01 -20.91 -13.79
C PHE B 112 23.87 -22.18 -13.84
N GLY B 113 23.36 -23.23 -13.20
CA GLY B 113 23.97 -24.53 -13.24
C GLY B 113 25.25 -24.67 -12.46
N GLU B 114 25.71 -23.62 -11.78
CA GLU B 114 26.97 -23.72 -11.05
C GLU B 114 26.91 -24.82 -9.98
N GLU B 115 25.75 -24.98 -9.35
CA GLU B 115 25.53 -26.04 -8.38
C GLU B 115 24.73 -27.18 -9.00
N LYS B 116 25.12 -28.41 -8.65
CA LYS B 116 24.35 -29.59 -9.01
C LYS B 116 23.38 -29.84 -7.88
N ILE B 117 22.16 -29.33 -8.03
CA ILE B 117 21.13 -29.47 -7.00
C ILE B 117 20.25 -30.65 -7.37
N VAL B 118 19.96 -31.49 -6.38
CA VAL B 118 19.18 -32.70 -6.56
C VAL B 118 17.86 -32.56 -5.82
N VAL B 119 16.77 -32.88 -6.50
CA VAL B 119 15.49 -33.15 -5.84
C VAL B 119 14.89 -34.40 -6.46
N ASN B 120 14.26 -35.23 -5.61
CA ASN B 120 13.64 -36.50 -6.04
C ASN B 120 14.59 -37.36 -6.86
N GLY B 121 15.89 -37.28 -6.53
CA GLY B 121 16.90 -38.06 -7.21
C GLY B 121 17.57 -37.36 -8.37
N LYS B 122 16.87 -36.46 -9.06
CA LYS B 122 17.34 -35.91 -10.32
C LYS B 122 17.90 -34.51 -10.12
N SER B 123 19.03 -34.24 -10.78
CA SER B 123 19.57 -32.89 -10.80
CA SER B 123 19.56 -32.89 -10.79
C SER B 123 18.58 -31.96 -11.48
N ILE B 124 18.33 -30.80 -10.85
CA ILE B 124 17.31 -29.89 -11.36
C ILE B 124 17.87 -28.82 -12.27
N ASP B 125 19.19 -28.77 -12.46
CA ASP B 125 19.80 -27.68 -13.24
C ASP B 125 19.30 -27.67 -14.67
N GLU B 126 19.30 -28.84 -15.33
CA GLU B 126 18.93 -28.93 -16.74
C GLU B 126 17.48 -28.50 -16.99
N ASP B 127 16.60 -28.71 -16.02
CA ASP B 127 15.22 -28.30 -16.22
C ASP B 127 15.06 -26.79 -16.20
N VAL B 128 15.75 -26.12 -15.27
CA VAL B 128 15.64 -24.68 -15.16
C VAL B 128 16.17 -24.00 -16.42
N GLN B 129 17.28 -24.49 -16.93
CA GLN B 129 17.88 -23.86 -18.11
C GLN B 129 17.01 -24.05 -19.35
N ARG B 130 16.30 -25.16 -19.46
CA ARG B 130 15.49 -25.42 -20.64
C ARG B 130 14.29 -24.48 -20.68
N VAL B 131 13.74 -24.13 -19.52
CA VAL B 131 12.70 -23.12 -19.50
C VAL B 131 13.29 -21.74 -19.81
N LEU B 132 14.46 -21.44 -19.25
CA LEU B 132 15.11 -20.18 -19.57
C LEU B 132 15.41 -20.06 -21.06
N ASN B 133 15.76 -21.16 -21.70
CA ASN B 133 16.04 -21.11 -23.13
C ASN B 133 14.75 -21.11 -23.94
N GLN B 134 13.73 -21.82 -23.47
CA GLN B 134 12.41 -21.73 -24.08
C GLN B 134 11.88 -20.30 -24.01
N MET B 135 12.01 -19.67 -22.83
CA MET B 135 11.52 -18.30 -22.68
C MET B 135 12.30 -17.34 -23.57
N LYS B 136 13.62 -17.54 -23.69
CA LYS B 136 14.46 -16.66 -24.51
C LYS B 136 14.06 -16.73 -25.98
N ILE B 137 13.92 -17.95 -26.51
CA ILE B 137 13.59 -18.13 -27.92
C ILE B 137 12.22 -17.55 -28.21
N PHE B 138 11.22 -17.97 -27.41
CA PHE B 138 9.85 -17.48 -27.59
C PHE B 138 9.79 -15.95 -27.62
N SER B 139 10.40 -15.29 -26.64
CA SER B 139 10.37 -13.83 -26.57
C SER B 139 11.01 -13.19 -27.80
N GLU B 140 12.11 -13.76 -28.29
CA GLU B 140 12.71 -13.21 -29.49
C GLU B 140 11.75 -13.28 -30.68
N LYS B 141 10.92 -14.33 -30.75
CA LYS B 141 9.95 -14.41 -31.82
C LYS B 141 8.87 -13.36 -31.67
N ILE B 142 8.36 -13.18 -30.43
CA ILE B 142 7.34 -12.17 -30.18
C ILE B 142 7.88 -10.78 -30.43
N ILE B 143 9.07 -10.48 -29.88
CA ILE B 143 9.57 -9.11 -29.91
C ILE B 143 9.96 -8.71 -31.33
N SER B 144 10.62 -9.61 -32.06
CA SER B 144 11.04 -9.29 -33.43
C SER B 144 9.89 -9.30 -34.44
N GLY B 145 8.64 -9.49 -34.00
CA GLY B 145 7.55 -9.65 -34.93
C GLY B 145 7.55 -10.96 -35.68
N GLU B 146 8.53 -11.84 -35.41
CA GLU B 146 8.58 -13.14 -36.04
C GLU B 146 7.33 -13.96 -35.74
N HIS B 147 6.88 -13.97 -34.49
CA HIS B 147 5.60 -14.61 -34.18
C HIS B 147 4.47 -13.66 -34.54
N LYS B 148 3.59 -14.10 -35.41
CA LYS B 148 2.47 -13.29 -35.88
C LYS B 148 1.17 -13.73 -35.20
N GLY B 149 0.27 -12.77 -35.03
CA GLY B 149 -1.07 -13.08 -34.59
C GLY B 149 -1.85 -13.86 -35.65
N PHE B 150 -3.05 -14.28 -35.26
CA PHE B 150 -3.78 -15.22 -36.10
C PHE B 150 -4.15 -14.64 -37.46
N SER B 151 -3.94 -13.34 -37.67
CA SER B 151 -4.27 -12.70 -38.94
C SER B 151 -3.04 -12.24 -39.70
N GLY B 152 -1.85 -12.40 -39.14
CA GLY B 152 -0.62 -11.97 -39.77
C GLY B 152 0.02 -10.76 -39.15
N LYS B 153 -0.57 -10.20 -38.10
CA LYS B 153 -0.05 -9.00 -37.45
C LYS B 153 0.89 -9.39 -36.32
N GLU B 154 1.93 -8.61 -36.12
CA GLU B 154 2.79 -8.94 -34.99
C GLU B 154 2.13 -8.49 -33.70
N ILE B 155 2.60 -9.08 -32.61
CA ILE B 155 2.02 -8.84 -31.28
C ILE B 155 2.45 -7.47 -30.80
N THR B 156 1.48 -6.68 -30.32
CA THR B 156 1.75 -5.35 -29.81
C THR B 156 1.47 -5.23 -28.33
N ASP B 157 0.66 -6.13 -27.77
CA ASP B 157 0.14 -6.03 -26.42
C ASP B 157 0.26 -7.40 -25.74
N VAL B 158 0.75 -7.39 -24.51
CA VAL B 158 0.97 -8.60 -23.72
C VAL B 158 0.19 -8.49 -22.43
N VAL B 159 -0.75 -9.40 -22.23
CA VAL B 159 -1.69 -9.41 -21.11
C VAL B 159 -1.36 -10.63 -20.24
N ASN B 160 -0.74 -10.40 -19.09
CA ASN B 160 -0.49 -11.47 -18.13
C ASN B 160 -1.73 -11.67 -17.28
N ILE B 161 -2.10 -12.93 -17.05
CA ILE B 161 -3.26 -13.29 -16.23
C ILE B 161 -2.75 -14.08 -15.04
N GLY B 162 -2.89 -13.53 -13.85
CA GLY B 162 -2.46 -14.21 -12.63
C GLY B 162 -2.71 -13.33 -11.43
N ILE B 163 -2.53 -13.92 -10.24
CA ILE B 163 -2.87 -13.24 -9.00
C ILE B 163 -1.88 -13.69 -7.92
N GLY B 164 -1.57 -12.77 -7.00
CA GLY B 164 -0.56 -13.02 -5.99
C GLY B 164 0.82 -13.32 -6.58
N GLY B 165 1.33 -14.50 -6.29
CA GLY B 165 2.62 -14.89 -6.81
C GLY B 165 2.74 -14.76 -8.31
N SER B 166 1.65 -14.95 -9.03
CA SER B 166 1.68 -14.92 -10.48
C SER B 166 1.37 -13.53 -11.05
N ASP B 167 1.24 -12.53 -10.20
CA ASP B 167 0.90 -11.19 -10.63
C ASP B 167 1.86 -10.17 -10.04
N LEU B 168 2.02 -10.20 -8.72
CA LEU B 168 2.77 -9.14 -8.04
C LEU B 168 4.18 -9.02 -8.59
N GLY B 169 4.86 -10.15 -8.72
CA GLY B 169 6.21 -10.20 -9.22
C GLY B 169 6.32 -9.50 -10.57
N PRO B 170 5.67 -10.07 -11.59
CA PRO B 170 5.74 -9.47 -12.93
C PRO B 170 5.24 -8.03 -12.99
N VAL B 171 4.15 -7.71 -12.28
CA VAL B 171 3.75 -6.31 -12.18
C VAL B 171 4.90 -5.47 -11.67
N MET B 172 5.46 -5.86 -10.52
CA MET B 172 6.42 -5.02 -9.83
C MET B 172 7.68 -4.81 -10.66
N VAL B 173 8.12 -5.85 -11.37
CA VAL B 173 9.41 -5.76 -12.06
C VAL B 173 9.25 -5.01 -13.39
N CYS B 174 8.15 -5.26 -14.12
CA CYS B 174 7.93 -4.52 -15.35
C CYS B 174 7.75 -3.04 -15.09
N SER B 175 7.29 -2.66 -13.90
CA SER B 175 7.19 -1.26 -13.56
C SER B 175 8.55 -0.68 -13.18
N ALA B 176 9.34 -1.42 -12.38
CA ALA B 176 10.66 -0.94 -11.98
C ALA B 176 11.58 -0.79 -13.18
N LEU B 177 11.45 -1.67 -14.18
CA LEU B 177 12.37 -1.70 -15.30
C LEU B 177 11.74 -1.14 -16.57
N LYS B 178 10.85 -0.16 -16.41
CA LYS B 178 10.17 0.45 -17.54
C LYS B 178 11.17 1.13 -18.48
N HIS B 179 12.26 1.65 -17.92
CA HIS B 179 13.30 2.29 -18.71
C HIS B 179 13.96 1.32 -19.66
N TYR B 180 13.85 0.02 -19.40
CA TYR B 180 14.46 -1.01 -20.22
C TYR B 180 13.46 -1.69 -21.15
N ARG B 181 12.29 -1.08 -21.33
CA ARG B 181 11.18 -1.72 -22.02
C ARG B 181 11.53 -2.01 -23.49
N THR B 182 10.92 -3.07 -24.01
CA THR B 182 10.86 -3.32 -25.44
C THR B 182 9.65 -2.59 -26.01
N ARG B 183 9.43 -2.77 -27.31
CA ARG B 183 8.29 -2.17 -27.98
C ARG B 183 6.96 -2.63 -27.41
N LEU B 184 6.94 -3.77 -26.74
CA LEU B 184 5.67 -4.39 -26.35
C LEU B 184 5.00 -3.64 -25.21
N ASN B 185 3.69 -3.52 -25.30
CA ASN B 185 2.90 -3.03 -24.19
C ASN B 185 2.51 -4.19 -23.28
N THR B 186 2.67 -3.97 -21.98
CA THR B 186 2.37 -4.97 -20.96
C THR B 186 1.08 -4.60 -20.23
N HIS B 187 0.26 -5.61 -19.95
CA HIS B 187 -0.93 -5.46 -19.13
C HIS B 187 -0.97 -6.58 -18.09
N PHE B 188 -1.75 -6.36 -17.05
CA PHE B 188 -1.73 -7.28 -15.90
C PHE B 188 -3.14 -7.38 -15.33
N VAL B 189 -3.85 -8.41 -15.71
CA VAL B 189 -5.16 -8.69 -15.14
C VAL B 189 -4.96 -9.67 -13.99
N SER B 190 -5.72 -9.48 -12.91
CA SER B 190 -5.49 -10.28 -11.71
C SER B 190 -6.77 -10.53 -10.93
N ASN B 191 -7.50 -9.46 -10.63
CA ASN B 191 -8.71 -9.59 -9.83
C ASN B 191 -9.76 -10.40 -10.58
N VAL B 192 -10.50 -11.24 -9.86
CA VAL B 192 -11.65 -11.87 -10.50
C VAL B 192 -12.70 -10.83 -10.86
N ASP B 193 -12.72 -9.70 -10.18
CA ASP B 193 -13.60 -8.59 -10.53
C ASP B 193 -13.51 -8.34 -12.04
N GLY B 194 -14.57 -8.71 -12.76
CA GLY B 194 -14.54 -8.64 -14.22
C GLY B 194 -14.27 -7.26 -14.76
N ASN B 195 -14.42 -6.22 -13.94
CA ASN B 195 -14.04 -4.87 -14.33
C ASN B 195 -12.54 -4.79 -14.62
N HIS B 196 -11.74 -5.66 -14.01
CA HIS B 196 -10.32 -5.65 -14.33
C HIS B 196 -10.10 -6.08 -15.76
N ILE B 197 -10.44 -7.33 -16.09
CA ILE B 197 -10.22 -7.80 -17.45
C ILE B 197 -10.94 -6.91 -18.44
N ALA B 198 -12.11 -6.39 -18.06
CA ALA B 198 -12.90 -5.59 -18.99
C ALA B 198 -12.15 -4.34 -19.40
N GLU B 199 -11.62 -3.59 -18.42
CA GLU B 199 -10.94 -2.35 -18.73
C GLU B 199 -9.65 -2.59 -19.51
N VAL B 200 -8.89 -3.63 -19.13
CA VAL B 200 -7.61 -3.88 -19.78
C VAL B 200 -7.81 -4.17 -21.26
N VAL B 201 -8.83 -4.96 -21.61
CA VAL B 201 -8.98 -5.39 -23.01
C VAL B 201 -9.83 -4.45 -23.85
N LYS B 202 -10.45 -3.42 -23.24
CA LYS B 202 -11.41 -2.58 -23.93
C LYS B 202 -10.82 -1.97 -25.19
N ASN B 203 -9.54 -1.63 -25.16
CA ASN B 203 -8.87 -0.95 -26.26
C ASN B 203 -7.81 -1.83 -26.92
N LEU B 204 -7.89 -3.14 -26.74
CA LEU B 204 -6.88 -4.04 -27.28
C LEU B 204 -7.44 -4.79 -28.49
N ASN B 205 -6.53 -5.25 -29.32
CA ASN B 205 -6.94 -5.95 -30.51
C ASN B 205 -6.63 -7.43 -30.32
N PRO B 206 -7.63 -8.31 -30.41
CA PRO B 206 -7.36 -9.75 -30.33
C PRO B 206 -6.30 -10.20 -31.31
N GLU B 207 -6.21 -9.58 -32.50
CA GLU B 207 -5.23 -9.99 -33.50
C GLU B 207 -3.80 -9.75 -33.04
N THR B 208 -3.61 -8.79 -32.13
CA THR B 208 -2.28 -8.35 -31.72
C THR B 208 -2.03 -8.56 -30.23
N THR B 209 -2.80 -9.43 -29.58
CA THR B 209 -2.74 -9.58 -28.13
C THR B 209 -2.37 -11.01 -27.74
N LEU B 210 -1.32 -11.14 -26.94
CA LEU B 210 -0.89 -12.43 -26.40
C LEU B 210 -1.27 -12.49 -24.93
N PHE B 211 -2.09 -13.45 -24.57
CA PHE B 211 -2.39 -13.67 -23.17
C PHE B 211 -1.40 -14.66 -22.55
N ILE B 212 -1.00 -14.37 -21.33
CA ILE B 212 -0.19 -15.27 -20.54
C ILE B 212 -1.02 -15.68 -19.33
N ILE B 213 -1.28 -16.98 -19.19
CA ILE B 213 -2.07 -17.50 -18.08
C ILE B 213 -1.10 -18.01 -17.02
N ALA B 214 -0.88 -17.22 -15.98
CA ALA B 214 0.13 -17.49 -14.95
C ALA B 214 -0.54 -18.03 -13.68
N SER B 215 -0.34 -19.31 -13.39
CA SER B 215 -0.87 -19.88 -12.14
C SER B 215 -0.07 -21.13 -11.83
N LYS B 216 0.62 -21.14 -10.67
CA LYS B 216 1.39 -22.31 -10.27
C LYS B 216 0.51 -23.55 -10.26
N THR B 217 -0.70 -23.43 -9.71
CA THR B 217 -1.61 -24.56 -9.63
C THR B 217 -2.47 -24.72 -10.86
N PHE B 218 -2.66 -23.65 -11.65
CA PHE B 218 -3.61 -23.63 -12.76
C PHE B 218 -5.00 -24.11 -12.34
N THR B 219 -5.36 -23.87 -11.08
CA THR B 219 -6.71 -24.10 -10.61
C THR B 219 -7.32 -22.86 -9.96
N THR B 220 -6.55 -21.79 -9.77
CA THR B 220 -7.03 -20.66 -9.00
C THR B 220 -8.25 -20.05 -9.65
N GLN B 221 -9.32 -19.90 -8.85
CA GLN B 221 -10.61 -19.46 -9.39
C GLN B 221 -10.49 -18.17 -10.18
N GLU B 222 -9.67 -17.23 -9.70
CA GLU B 222 -9.69 -15.91 -10.34
C GLU B 222 -8.93 -15.92 -11.67
N THR B 223 -7.79 -16.61 -11.73
CA THR B 223 -7.03 -16.66 -12.95
C THR B 223 -7.74 -17.51 -14.02
N MET B 224 -8.29 -18.65 -13.62
CA MET B 224 -9.04 -19.47 -14.56
C MET B 224 -10.32 -18.78 -15.02
N THR B 225 -10.98 -18.03 -14.14
CA THR B 225 -12.13 -17.22 -14.58
C THR B 225 -11.67 -16.20 -15.62
N ASN B 226 -10.65 -15.41 -15.28
CA ASN B 226 -10.10 -14.42 -16.22
C ASN B 226 -9.63 -15.08 -17.51
N ALA B 227 -8.98 -16.24 -17.39
CA ALA B 227 -8.54 -16.95 -18.58
C ALA B 227 -9.72 -17.24 -19.50
N LEU B 228 -10.82 -17.73 -18.93
CA LEU B 228 -11.98 -18.09 -19.75
C LEU B 228 -12.56 -16.86 -20.45
N SER B 229 -12.72 -15.76 -19.71
CA SER B 229 -13.16 -14.51 -20.33
C SER B 229 -12.15 -14.02 -21.36
N ALA B 230 -10.85 -14.18 -21.06
CA ALA B 230 -9.82 -13.84 -22.05
C ALA B 230 -9.98 -14.69 -23.30
N LYS B 231 -10.33 -15.96 -23.14
CA LYS B 231 -10.54 -16.78 -24.33
C LYS B 231 -11.84 -16.41 -25.03
N GLU B 232 -12.90 -16.16 -24.27
CA GLU B 232 -14.18 -15.78 -24.87
C GLU B 232 -14.09 -14.44 -25.58
N TRP B 233 -13.29 -13.51 -25.07
CA TRP B 233 -13.12 -12.23 -25.73
C TRP B 233 -12.34 -12.38 -27.03
N PHE B 234 -11.32 -13.23 -27.02
CA PHE B 234 -10.54 -13.47 -28.22
C PHE B 234 -11.37 -14.17 -29.30
N LEU B 235 -12.28 -15.05 -28.88
CA LEU B 235 -13.09 -15.83 -29.82
C LEU B 235 -14.19 -15.01 -30.48
N LYS B 236 -14.39 -13.77 -30.04
CA LYS B 236 -15.20 -12.81 -30.77
C LYS B 236 -14.53 -12.37 -32.06
N ALA B 237 -13.21 -12.55 -32.18
CA ALA B 237 -12.45 -12.22 -33.38
C ALA B 237 -11.70 -13.40 -33.94
N GLY B 238 -11.09 -14.22 -33.08
CA GLY B 238 -10.39 -15.41 -33.52
C GLY B 238 -11.29 -16.63 -33.53
N LYS B 239 -10.71 -17.75 -33.93
CA LYS B 239 -11.36 -19.05 -33.80
C LYS B 239 -10.52 -19.91 -32.88
N GLU B 240 -11.13 -20.98 -32.36
CA GLU B 240 -10.44 -21.81 -31.37
C GLU B 240 -9.15 -22.38 -31.92
N GLU B 241 -9.05 -22.54 -33.25
CA GLU B 241 -7.81 -23.02 -33.85
C GLU B 241 -6.70 -21.99 -33.76
N ASP B 242 -7.04 -20.72 -33.55
CA ASP B 242 -6.10 -19.61 -33.44
C ASP B 242 -5.65 -19.36 -32.01
N VAL B 243 -6.26 -20.03 -31.04
CA VAL B 243 -5.86 -19.92 -29.64
C VAL B 243 -4.36 -20.19 -29.48
N ALA B 244 -3.83 -21.13 -30.25
CA ALA B 244 -2.43 -21.52 -30.10
C ALA B 244 -1.45 -20.38 -30.41
N LYS B 245 -1.87 -19.37 -31.14
CA LYS B 245 -1.00 -18.22 -31.41
C LYS B 245 -1.21 -17.07 -30.44
N HIS B 246 -2.09 -17.21 -29.44
CA HIS B 246 -2.38 -16.08 -28.56
C HIS B 246 -2.49 -16.42 -27.08
N PHE B 247 -2.38 -17.69 -26.68
CA PHE B 247 -2.48 -18.04 -25.27
C PHE B 247 -1.35 -18.98 -24.92
N VAL B 248 -0.48 -18.54 -24.00
CA VAL B 248 0.54 -19.40 -23.40
C VAL B 248 0.23 -19.49 -21.90
N ALA B 249 0.89 -20.45 -21.25
CA ALA B 249 0.58 -20.75 -19.86
C ALA B 249 1.86 -21.06 -19.08
N LEU B 250 1.95 -20.47 -17.90
CA LEU B 250 3.06 -20.66 -16.97
C LEU B 250 2.51 -21.34 -15.72
N SER B 251 2.87 -22.61 -15.51
CA SER B 251 2.28 -23.40 -14.43
C SER B 251 3.26 -24.51 -14.03
N THR B 252 2.90 -25.24 -12.97
CA THR B 252 3.64 -26.44 -12.59
C THR B 252 2.85 -27.70 -12.82
N ASN B 253 1.64 -27.59 -13.36
CA ASN B 253 0.80 -28.77 -13.60
CA ASN B 253 0.71 -28.71 -13.55
C ASN B 253 0.32 -28.71 -15.04
N ILE B 254 1.01 -29.52 -15.85
CA ILE B 254 0.84 -29.51 -17.30
C ILE B 254 -0.52 -30.05 -17.71
N GLU B 255 -1.06 -31.03 -16.97
CA GLU B 255 -2.35 -31.63 -17.37
C GLU B 255 -3.47 -30.60 -17.31
N ALA B 256 -3.50 -29.79 -16.26
CA ALA B 256 -4.52 -28.76 -16.14
C ALA B 256 -4.42 -27.77 -17.29
N VAL B 257 -3.19 -27.48 -17.75
CA VAL B 257 -3.03 -26.58 -18.87
C VAL B 257 -3.47 -27.24 -20.16
N LYS B 258 -3.09 -28.52 -20.35
CA LYS B 258 -3.58 -29.26 -21.50
C LYS B 258 -5.10 -29.44 -21.42
N ASN B 259 -5.62 -29.68 -20.21
CA ASN B 259 -7.07 -29.76 -20.05
C ASN B 259 -7.73 -28.41 -20.33
N PHE B 260 -7.02 -27.31 -20.05
CA PHE B 260 -7.54 -26.00 -20.39
C PHE B 260 -7.53 -25.71 -21.88
N GLY B 261 -6.86 -26.54 -22.68
CA GLY B 261 -6.82 -26.37 -24.11
C GLY B 261 -5.61 -25.63 -24.64
N ILE B 262 -4.56 -25.46 -23.84
CA ILE B 262 -3.33 -24.83 -24.32
C ILE B 262 -2.39 -25.91 -24.82
N ALA B 263 -1.46 -25.51 -25.69
CA ALA B 263 -0.58 -26.44 -26.37
C ALA B 263 0.71 -26.67 -25.58
N GLU B 264 1.15 -27.92 -25.54
CA GLU B 264 2.40 -28.30 -24.87
C GLU B 264 3.55 -27.36 -25.23
N GLU B 265 3.67 -27.02 -26.51
CA GLU B 265 4.65 -26.05 -26.98
C GLU B 265 4.47 -24.68 -26.34
N ASN B 266 3.26 -24.36 -25.88
CA ASN B 266 2.95 -23.08 -25.25
C ASN B 266 2.97 -23.15 -23.72
N ILE B 267 3.55 -24.21 -23.17
CA ILE B 267 3.61 -24.44 -21.74
C ILE B 267 5.01 -24.13 -21.26
N PHE B 268 5.14 -23.26 -20.27
CA PHE B 268 6.41 -22.90 -19.67
C PHE B 268 6.37 -23.46 -18.25
N GLU B 269 7.05 -24.59 -18.06
CA GLU B 269 7.00 -25.32 -16.81
C GLU B 269 7.80 -24.61 -15.72
N PHE B 270 7.31 -24.71 -14.49
CA PHE B 270 8.17 -24.57 -13.33
C PHE B 270 7.70 -25.62 -12.32
N TRP B 271 8.24 -25.56 -11.12
CA TRP B 271 8.19 -26.72 -10.26
C TRP B 271 7.71 -26.36 -8.86
N ASP B 272 7.42 -27.39 -8.06
CA ASP B 272 6.76 -27.16 -6.78
C ASP B 272 7.67 -26.50 -5.76
N TRP B 273 8.99 -26.69 -5.86
CA TRP B 273 9.91 -26.03 -4.92
C TRP B 273 10.10 -24.56 -5.24
N VAL B 274 9.32 -24.03 -6.18
CA VAL B 274 9.27 -22.61 -6.50
C VAL B 274 8.02 -22.05 -5.83
N GLY B 275 8.21 -21.40 -4.67
CA GLY B 275 7.08 -20.76 -4.00
C GLY B 275 6.55 -19.61 -4.84
N GLY B 276 5.21 -19.47 -4.84
CA GLY B 276 4.57 -18.43 -5.65
C GLY B 276 5.15 -17.05 -5.40
N ARG B 277 5.29 -16.69 -4.12
CA ARG B 277 5.90 -15.43 -3.74
C ARG B 277 7.42 -15.39 -3.99
N TYR B 278 8.01 -16.46 -4.55
CA TYR B 278 9.41 -16.46 -4.99
C TYR B 278 9.57 -16.93 -6.44
N SER B 279 8.57 -16.75 -7.30
CA SER B 279 8.54 -17.43 -8.59
C SER B 279 8.84 -16.55 -9.81
N LEU B 280 9.06 -15.24 -9.65
CA LEU B 280 9.31 -14.40 -10.82
C LEU B 280 10.56 -14.81 -11.59
N TRP B 281 11.50 -15.48 -10.93
CA TRP B 281 12.73 -15.93 -11.54
C TRP B 281 12.55 -17.14 -12.43
N SER B 282 11.37 -17.76 -12.39
CA SER B 282 11.03 -18.92 -13.19
C SER B 282 10.19 -18.48 -14.40
N ALA B 283 9.53 -19.44 -15.05
CA ALA B 283 8.60 -19.18 -16.14
C ALA B 283 7.60 -18.08 -15.80
N ILE B 284 7.25 -17.92 -14.53
CA ILE B 284 6.39 -16.81 -14.12
C ILE B 284 6.98 -15.48 -14.59
N GLY B 285 8.30 -15.45 -14.83
CA GLY B 285 8.94 -14.25 -15.35
C GLY B 285 8.77 -13.97 -16.81
N LEU B 286 7.93 -14.72 -17.54
CA LEU B 286 7.85 -14.54 -18.99
C LEU B 286 7.37 -13.14 -19.36
N SER B 287 6.35 -12.62 -18.66
CA SER B 287 5.91 -11.25 -18.96
C SER B 287 7.06 -10.26 -18.80
N ILE B 288 7.92 -10.48 -17.81
CA ILE B 288 9.08 -9.61 -17.65
C ILE B 288 10.00 -9.74 -18.84
N VAL B 289 10.23 -10.99 -19.27
CA VAL B 289 11.07 -11.27 -20.44
C VAL B 289 10.55 -10.53 -21.66
N LEU B 290 9.25 -10.65 -21.94
CA LEU B 290 8.70 -9.94 -23.08
C LEU B 290 8.79 -8.43 -22.90
N ALA B 291 8.70 -7.97 -21.65
CA ALA B 291 8.69 -6.54 -21.38
C ALA B 291 10.06 -5.89 -21.54
N VAL B 292 11.13 -6.56 -21.10
CA VAL B 292 12.47 -5.99 -21.15
C VAL B 292 13.44 -6.86 -21.95
N GLY B 293 13.00 -7.97 -22.51
CA GLY B 293 13.88 -8.84 -23.26
C GLY B 293 14.47 -9.93 -22.39
N TYR B 294 14.88 -11.02 -23.04
CA TYR B 294 15.50 -12.09 -22.27
C TYR B 294 16.77 -11.62 -21.60
N ASP B 295 17.57 -10.83 -22.32
CA ASP B 295 18.86 -10.37 -21.81
C ASP B 295 18.72 -9.65 -20.47
N ASN B 296 17.83 -8.65 -20.41
CA ASN B 296 17.61 -7.96 -19.15
C ASN B 296 17.01 -8.87 -18.09
N PHE B 297 16.19 -9.85 -18.50
CA PHE B 297 15.70 -10.79 -17.50
C PHE B 297 16.84 -11.61 -16.93
N GLU B 298 17.84 -11.97 -17.75
CA GLU B 298 18.95 -12.75 -17.23
C GLU B 298 19.85 -11.94 -16.30
N LYS B 299 19.93 -10.62 -16.52
CA LYS B 299 20.69 -9.77 -15.61
C LYS B 299 19.99 -9.66 -14.25
N LEU B 300 18.67 -9.55 -14.27
CA LEU B 300 17.90 -9.60 -13.02
C LEU B 300 18.18 -10.89 -12.26
N LEU B 301 18.24 -12.03 -12.98
CA LEU B 301 18.58 -13.29 -12.33
C LEU B 301 20.03 -13.30 -11.86
N ARG B 302 20.94 -12.65 -12.59
CA ARG B 302 22.31 -12.51 -12.14
C ARG B 302 22.41 -11.70 -10.85
N GLY B 303 21.66 -10.59 -10.75
CA GLY B 303 21.68 -9.81 -9.53
C GLY B 303 21.20 -10.59 -8.31
N ALA B 304 20.19 -11.45 -8.50
CA ALA B 304 19.74 -12.29 -7.39
C ALA B 304 20.81 -13.30 -7.02
N GLN B 305 21.46 -13.90 -8.02
CA GLN B 305 22.56 -14.80 -7.74
C GLN B 305 23.67 -14.10 -6.99
N ASP B 306 23.87 -12.80 -7.24
CA ASP B 306 24.91 -12.05 -6.53
C ASP B 306 24.60 -11.98 -5.05
N THR B 307 23.36 -11.61 -4.73
CA THR B 307 22.90 -11.57 -3.34
C THR B 307 22.85 -12.97 -2.75
N ASP B 308 22.48 -13.96 -3.57
CA ASP B 308 22.57 -15.36 -3.14
C ASP B 308 23.96 -15.71 -2.63
N LYS B 309 24.97 -15.52 -3.48
CA LYS B 309 26.33 -15.84 -3.07
C LYS B 309 26.74 -15.02 -1.85
N HIS B 310 26.44 -13.73 -1.87
CA HIS B 310 26.68 -12.88 -0.73
C HIS B 310 26.09 -13.52 0.53
N PHE B 311 24.75 -13.63 0.55
CA PHE B 311 24.04 -14.22 1.69
C PHE B 311 24.63 -15.56 2.10
N ARG B 312 24.91 -16.43 1.13
CA ARG B 312 25.35 -17.78 1.47
C ARG B 312 26.75 -17.78 2.12
N ASN B 313 27.66 -16.93 1.66
CA ASN B 313 29.08 -17.09 2.00
C ASN B 313 29.63 -16.01 2.92
N THR B 314 28.88 -14.95 3.21
CA THR B 314 29.35 -13.86 4.05
C THR B 314 29.08 -14.15 5.51
N GLU B 315 30.07 -13.92 6.37
CA GLU B 315 29.83 -14.08 7.81
C GLU B 315 28.82 -13.04 8.28
N PHE B 316 28.10 -13.39 9.36
CA PHE B 316 26.86 -12.70 9.69
C PHE B 316 27.05 -11.21 9.90
N LYS B 317 28.17 -10.81 10.53
CA LYS B 317 28.38 -9.39 10.83
C LYS B 317 28.48 -8.53 9.57
N ASN B 318 28.76 -9.13 8.42
CA ASN B 318 28.93 -8.39 7.18
C ASN B 318 27.90 -8.79 6.13
N ASN B 319 26.81 -9.44 6.57
CA ASN B 319 25.82 -10.08 5.72
C ASN B 319 24.54 -9.24 5.72
N ILE B 320 24.30 -8.54 4.60
CA ILE B 320 23.18 -7.58 4.54
C ILE B 320 21.81 -8.23 4.84
N PRO B 321 21.47 -9.40 4.30
CA PRO B 321 20.17 -9.99 4.66
C PRO B 321 20.08 -10.47 6.09
N VAL B 322 21.16 -11.07 6.61
CA VAL B 322 21.17 -11.47 8.01
C VAL B 322 20.98 -10.24 8.91
N LEU B 323 21.69 -9.17 8.60
CA LEU B 323 21.54 -7.95 9.39
C LEU B 323 20.14 -7.36 9.22
N MET B 324 19.57 -7.47 8.01
CA MET B 324 18.18 -7.02 7.84
C MET B 324 17.23 -7.87 8.68
N GLY B 325 17.45 -9.19 8.68
CA GLY B 325 16.54 -10.07 9.40
C GLY B 325 16.62 -9.90 10.91
N VAL B 326 17.83 -9.77 11.45
CA VAL B 326 17.91 -9.74 12.90
C VAL B 326 17.51 -8.36 13.43
N LEU B 327 17.75 -7.29 12.68
CA LEU B 327 17.24 -6.00 13.11
C LEU B 327 15.71 -5.98 13.13
N GLY B 328 15.07 -6.69 12.21
CA GLY B 328 13.62 -6.78 12.21
C GLY B 328 13.06 -7.55 13.38
N VAL B 329 13.77 -8.58 13.84
CA VAL B 329 13.37 -9.25 15.08
C VAL B 329 13.50 -8.26 16.24
N TRP B 330 14.53 -7.43 16.20
CA TRP B 330 14.80 -6.49 17.29
C TRP B 330 13.62 -5.55 17.48
N TYR B 331 13.10 -5.00 16.39
CA TYR B 331 11.97 -4.09 16.49
C TYR B 331 10.67 -4.83 16.75
N ARG B 332 10.45 -5.98 16.09
CA ARG B 332 9.20 -6.71 16.25
C ARG B 332 9.03 -7.29 17.66
N ASN B 333 10.08 -7.93 18.18
CA ASN B 333 9.92 -8.72 19.38
C ASN B 333 10.36 -8.01 20.65
N PHE B 334 11.16 -6.97 20.53
CA PHE B 334 11.66 -6.26 21.70
C PHE B 334 11.16 -4.83 21.77
N PHE B 335 11.14 -4.12 20.65
CA PHE B 335 10.51 -2.82 20.66
C PHE B 335 9.00 -2.88 20.46
N ASP B 336 8.43 -4.07 20.23
CA ASP B 336 6.99 -4.25 20.06
C ASP B 336 6.45 -3.37 18.93
N ALA B 337 7.17 -3.33 17.81
CA ALA B 337 6.72 -2.62 16.62
C ALA B 337 5.99 -3.61 15.71
N SER B 338 4.70 -3.38 15.50
CA SER B 338 3.89 -4.22 14.65
C SER B 338 4.29 -4.17 13.16
N SER B 339 5.06 -3.18 12.72
CA SER B 339 5.15 -2.93 11.28
C SER B 339 6.56 -2.54 10.85
N TYR B 340 6.81 -2.68 9.53
CA TYR B 340 8.07 -2.32 8.90
C TYR B 340 7.74 -1.71 7.54
N ALA B 341 8.21 -0.49 7.31
CA ALA B 341 7.84 0.28 6.13
C ALA B 341 8.97 0.24 5.12
N ILE B 342 8.59 0.13 3.86
CA ILE B 342 9.54 0.05 2.76
C ILE B 342 9.37 1.32 1.94
N LEU B 343 10.41 2.15 1.89
CA LEU B 343 10.30 3.50 1.35
C LEU B 343 11.31 3.69 0.23
N PRO B 344 10.98 3.23 -0.97
CA PRO B 344 11.93 3.36 -2.08
C PRO B 344 11.89 4.76 -2.68
N TYR B 345 13.05 5.38 -2.82
CA TYR B 345 13.12 6.70 -3.43
C TYR B 345 13.44 6.59 -4.93
N SER B 346 12.46 5.98 -5.60
CA SER B 346 12.40 5.84 -7.05
C SER B 346 10.96 5.62 -7.42
N GLN B 347 10.47 6.36 -8.41
CA GLN B 347 9.10 6.15 -8.84
C GLN B 347 8.95 4.80 -9.51
N TYR B 348 10.04 4.30 -10.10
CA TYR B 348 10.02 2.97 -10.70
C TYR B 348 9.55 1.88 -9.73
N LEU B 349 9.88 1.99 -8.44
CA LEU B 349 9.53 0.98 -7.45
C LEU B 349 8.15 1.21 -6.82
N ASP B 350 7.21 1.76 -7.58
CA ASP B 350 5.93 2.13 -7.01
C ASP B 350 5.16 0.91 -6.53
N ARG B 351 5.43 -0.26 -7.13
CA ARG B 351 4.78 -1.51 -6.73
CA ARG B 351 4.79 -1.51 -6.75
C ARG B 351 5.72 -2.44 -5.98
N PHE B 352 6.86 -1.93 -5.49
CA PHE B 352 7.83 -2.78 -4.80
C PHE B 352 7.35 -3.15 -3.40
N ALA B 353 6.80 -2.18 -2.67
CA ALA B 353 6.31 -2.46 -1.33
C ALA B 353 5.15 -3.44 -1.33
N ALA B 354 4.27 -3.35 -2.34
CA ALA B 354 3.16 -4.28 -2.43
C ALA B 354 3.62 -5.70 -2.73
N TYR B 355 4.68 -5.82 -3.54
CA TYR B 355 5.31 -7.14 -3.75
C TYR B 355 5.85 -7.71 -2.46
N LEU B 356 6.45 -6.87 -1.61
CA LEU B 356 6.99 -7.40 -0.37
C LEU B 356 5.90 -7.77 0.62
N GLN B 357 4.70 -7.19 0.49
CA GLN B 357 3.57 -7.60 1.32
C GLN B 357 3.34 -9.10 1.22
N GLN B 358 3.29 -9.63 0.01
CA GLN B 358 3.15 -11.07 -0.12
C GLN B 358 4.44 -11.79 0.29
N GLY B 359 5.58 -11.31 -0.23
CA GLY B 359 6.87 -11.94 0.06
C GLY B 359 7.06 -12.14 1.55
N ASP B 360 7.01 -11.04 2.28
CA ASP B 360 7.22 -11.08 3.73
C ASP B 360 6.00 -11.67 4.43
N MET B 361 4.84 -11.01 4.31
CA MET B 361 3.72 -11.32 5.18
C MET B 361 3.11 -12.68 4.88
N GLU B 362 3.01 -13.07 3.61
CA GLU B 362 2.52 -14.42 3.40
C GLU B 362 3.56 -15.48 3.79
N SER B 363 4.84 -15.13 3.79
CA SER B 363 5.82 -16.05 4.36
C SER B 363 5.64 -16.17 5.85
N ASN B 364 5.77 -15.07 6.59
CA ASN B 364 5.98 -15.20 8.03
C ASN B 364 4.76 -14.81 8.87
N GLY B 365 3.62 -14.52 8.24
CA GLY B 365 2.38 -14.32 8.97
C GLY B 365 1.79 -15.62 9.48
N LYS B 366 2.44 -16.17 10.52
CA LYS B 366 2.20 -17.53 10.97
C LYS B 366 2.16 -17.53 12.49
N SER B 367 1.41 -18.45 13.08
CA SER B 367 1.32 -18.46 14.52
C SER B 367 1.63 -19.82 15.14
N VAL B 368 2.21 -20.75 14.37
CA VAL B 368 2.53 -22.08 14.87
C VAL B 368 3.97 -22.40 14.48
N ASP B 369 4.77 -22.85 15.45
CA ASP B 369 6.20 -23.00 15.20
C ASP B 369 6.48 -24.33 14.50
N ARG B 370 7.76 -24.55 14.18
CA ARG B 370 8.18 -25.76 13.47
C ARG B 370 8.08 -27.02 14.33
N ASN B 371 7.78 -26.91 15.63
CA ASN B 371 7.41 -28.07 16.44
C ASN B 371 5.90 -28.25 16.54
N GLY B 372 5.13 -27.47 15.78
CA GLY B 372 3.69 -27.61 15.78
C GLY B 372 2.99 -27.07 17.00
N GLU B 373 3.64 -26.20 17.78
CA GLU B 373 3.01 -25.54 18.91
C GLU B 373 2.78 -24.08 18.59
N PHE B 374 1.62 -23.57 19.01
CA PHE B 374 1.33 -22.15 18.91
C PHE B 374 2.45 -21.33 19.53
N VAL B 375 2.79 -20.24 18.89
CA VAL B 375 3.87 -19.39 19.36
C VAL B 375 3.30 -18.41 20.38
N ASP B 376 4.13 -17.98 21.33
CA ASP B 376 3.75 -16.95 22.28
C ASP B 376 4.44 -15.61 22.00
N TYR B 377 5.09 -15.48 20.84
CA TYR B 377 5.84 -14.28 20.47
C TYR B 377 5.36 -13.77 19.11
N GLU B 378 5.69 -12.52 18.81
CA GLU B 378 5.26 -11.91 17.55
C GLU B 378 6.09 -12.42 16.39
N THR B 379 5.42 -12.64 15.26
CA THR B 379 6.07 -13.08 14.02
C THR B 379 6.06 -11.96 12.97
N GLY B 380 5.76 -12.31 11.72
CA GLY B 380 5.84 -11.35 10.64
C GLY B 380 5.09 -10.06 10.91
N PRO B 381 5.75 -8.93 10.70
CA PRO B 381 5.11 -7.63 10.91
C PRO B 381 4.27 -7.26 9.69
N ILE B 382 3.66 -6.07 9.75
CA ILE B 382 2.90 -5.54 8.64
C ILE B 382 3.85 -4.75 7.75
N ILE B 383 4.02 -5.19 6.51
CA ILE B 383 4.86 -4.51 5.53
C ILE B 383 3.99 -3.57 4.71
N TRP B 384 4.47 -2.35 4.51
CA TRP B 384 3.67 -1.35 3.82
C TRP B 384 4.59 -0.24 3.36
N GLY B 385 4.10 0.59 2.45
CA GLY B 385 4.87 1.75 2.05
C GLY B 385 4.48 2.23 0.66
N GLU B 386 5.13 3.32 0.26
CA GLU B 386 4.93 3.98 -1.02
C GLU B 386 6.26 4.58 -1.43
N PRO B 387 6.47 4.84 -2.72
CA PRO B 387 7.74 5.47 -3.14
C PRO B 387 7.95 6.84 -2.51
N GLY B 388 9.20 7.15 -2.17
CA GLY B 388 9.55 8.52 -1.88
C GLY B 388 9.85 9.25 -3.17
N THR B 389 9.51 10.54 -3.23
CA THR B 389 9.12 11.34 -2.07
C THR B 389 7.61 11.38 -1.83
N ASN B 390 6.86 10.60 -2.61
CA ASN B 390 5.40 10.63 -2.55
C ASN B 390 4.89 10.46 -1.11
N GLY B 391 5.36 9.41 -0.43
CA GLY B 391 4.90 9.13 0.92
C GLY B 391 5.24 10.19 1.94
N GLN B 392 6.24 11.04 1.66
CA GLN B 392 6.49 12.18 2.54
C GLN B 392 5.30 13.11 2.61
N HIS B 393 4.43 13.10 1.60
CA HIS B 393 3.30 13.99 1.58
C HIS B 393 1.99 13.25 1.85
N ALA B 394 2.07 12.06 2.45
CA ALA B 394 0.89 11.26 2.75
C ALA B 394 0.91 10.73 4.18
N PHE B 395 1.96 9.99 4.56
CA PHE B 395 1.96 9.37 5.89
C PHE B 395 3.21 9.62 6.72
N TYR B 396 4.20 10.38 6.22
CA TYR B 396 5.38 10.61 7.04
C TYR B 396 5.04 11.43 8.28
N GLN B 397 4.01 12.28 8.19
CA GLN B 397 3.46 13.01 9.34
C GLN B 397 3.32 12.08 10.54
N LEU B 398 2.79 10.88 10.32
CA LEU B 398 2.56 9.94 11.41
C LEU B 398 3.85 9.28 11.85
N ILE B 399 4.73 8.93 10.90
CA ILE B 399 6.02 8.35 11.28
C ILE B 399 6.82 9.32 12.13
N HIS B 400 6.70 10.63 11.85
CA HIS B 400 7.45 11.66 12.56
C HIS B 400 6.83 12.03 13.90
N GLN B 401 5.50 12.07 13.98
CA GLN B 401 4.84 12.64 15.15
C GLN B 401 3.73 11.80 15.75
N GLY B 402 3.48 10.60 15.22
CA GLY B 402 2.46 9.74 15.76
C GLY B 402 2.90 9.01 17.03
N THR B 403 2.04 8.09 17.46
CA THR B 403 2.28 7.25 18.63
C THR B 403 2.72 5.85 18.23
N GLU B 404 3.43 5.72 17.13
CA GLU B 404 3.77 4.42 16.55
C GLU B 404 5.23 4.39 16.14
N LEU B 405 5.95 3.37 16.64
CA LEU B 405 7.33 3.13 16.19
C LEU B 405 7.30 2.36 14.88
N ILE B 406 7.86 2.96 13.84
CA ILE B 406 7.80 2.40 12.48
C ILE B 406 9.20 2.33 11.91
N PRO B 407 9.90 1.20 12.01
CA PRO B 407 11.20 1.10 11.33
C PRO B 407 10.97 1.07 9.82
N ALA B 408 11.91 1.67 9.08
CA ALA B 408 11.72 1.76 7.65
C ALA B 408 13.03 1.55 6.92
N ASP B 409 12.92 0.94 5.74
CA ASP B 409 14.01 0.81 4.80
C ASP B 409 13.88 1.88 3.72
N PHE B 410 14.85 2.79 3.69
CA PHE B 410 14.97 3.84 2.69
C PHE B 410 15.93 3.33 1.61
N ILE B 411 15.48 3.30 0.36
CA ILE B 411 16.22 2.74 -0.76
C ILE B 411 16.38 3.83 -1.81
N ALA B 412 17.58 3.96 -2.36
CA ALA B 412 17.79 4.99 -3.36
C ALA B 412 18.78 4.50 -4.41
N TYR B 413 19.04 5.36 -5.39
CA TYR B 413 19.94 5.09 -6.49
C TYR B 413 20.69 6.37 -6.77
N ALA B 414 21.99 6.27 -7.01
CA ALA B 414 22.78 7.48 -7.21
C ALA B 414 22.45 8.12 -8.54
N LYS B 415 22.37 7.31 -9.59
CA LYS B 415 22.08 7.75 -10.95
C LYS B 415 20.62 7.51 -11.27
N ALA B 416 20.02 8.42 -12.03
CA ALA B 416 18.65 8.28 -12.48
C ALA B 416 18.64 7.77 -13.91
N ASN B 417 17.75 6.82 -14.21
CA ASN B 417 17.62 6.32 -15.58
C ASN B 417 17.35 7.46 -16.56
N ASN B 418 16.49 8.40 -16.18
CA ASN B 418 16.30 9.63 -16.94
C ASN B 418 16.73 10.76 -16.03
N ASN B 419 17.84 11.40 -16.34
CA ASN B 419 18.35 12.48 -15.51
C ASN B 419 17.86 13.82 -16.05
N LEU B 420 17.04 14.52 -15.28
CA LEU B 420 16.46 15.78 -15.70
C LEU B 420 16.84 16.89 -14.73
N SER B 421 17.33 18.02 -15.26
CA SER B 421 17.80 19.18 -14.52
C SER B 421 18.36 18.84 -13.14
N ASP B 422 17.70 19.31 -12.07
CA ASP B 422 18.16 19.02 -10.71
C ASP B 422 17.19 18.09 -9.97
N HIS B 423 16.45 17.27 -10.71
CA HIS B 423 15.49 16.35 -10.10
C HIS B 423 16.15 15.35 -9.18
N GLN B 424 17.31 14.81 -9.58
CA GLN B 424 17.89 13.71 -8.82
C GLN B 424 18.46 14.21 -7.50
N ASP B 425 19.24 15.31 -7.55
CA ASP B 425 19.76 15.89 -6.31
C ASP B 425 18.62 16.28 -5.36
N LYS B 426 17.53 16.83 -5.90
CA LYS B 426 16.38 17.15 -5.05
C LYS B 426 15.78 15.90 -4.45
N LEU B 427 15.57 14.87 -5.27
CA LEU B 427 15.11 13.58 -4.77
C LEU B 427 16.02 13.06 -3.67
N MET B 428 17.34 13.08 -3.91
CA MET B 428 18.25 12.54 -2.90
C MET B 428 18.29 13.43 -1.65
N SER B 429 18.23 14.75 -1.81
CA SER B 429 18.24 15.60 -0.61
C SER B 429 17.10 15.25 0.34
N ASN B 430 15.94 14.84 -0.19
CA ASN B 430 14.86 14.35 0.68
C ASN B 430 15.22 13.00 1.30
N PHE B 431 15.79 12.10 0.50
CA PHE B 431 16.18 10.77 0.96
C PHE B 431 17.09 10.86 2.18
N PHE B 432 18.13 11.69 2.11
CA PHE B 432 19.06 11.85 3.23
C PHE B 432 18.36 12.53 4.40
N ALA B 433 17.59 13.58 4.14
CA ALA B 433 17.06 14.38 5.23
C ALA B 433 16.00 13.64 6.03
N GLN B 434 15.25 12.75 5.40
CA GLN B 434 14.18 12.09 6.13
C GLN B 434 14.74 11.14 7.19
N THR B 435 15.85 10.43 6.91
CA THR B 435 16.40 9.53 7.92
C THR B 435 17.16 10.29 9.01
N GLU B 436 17.75 11.44 8.68
CA GLU B 436 18.35 12.30 9.70
C GLU B 436 17.26 12.88 10.61
N ALA B 437 16.26 13.55 10.02
CA ALA B 437 15.06 13.99 10.74
C ALA B 437 14.46 12.88 11.61
N LEU B 438 14.20 11.71 11.02
CA LEU B 438 13.61 10.59 11.76
C LEU B 438 14.52 10.09 12.89
N ALA B 439 15.84 10.26 12.74
CA ALA B 439 16.74 9.76 13.78
C ALA B 439 16.84 10.72 14.94
N PHE B 440 17.12 11.98 14.66
CA PHE B 440 17.52 12.91 15.70
C PHE B 440 16.47 13.96 15.98
N GLY B 441 15.41 14.05 15.18
CA GLY B 441 14.28 14.89 15.48
C GLY B 441 14.64 16.34 15.73
N LYS B 442 13.87 16.99 16.58
CA LYS B 442 14.04 18.41 16.91
C LYS B 442 13.55 18.62 18.33
N THR B 443 14.44 19.10 19.21
CA THR B 443 14.16 19.17 20.62
C THR B 443 13.24 20.34 20.97
N LYS B 444 12.71 20.30 22.19
CA LYS B 444 11.99 21.45 22.75
C LYS B 444 12.83 22.72 22.62
N GLU B 445 14.10 22.64 22.99
CA GLU B 445 14.96 23.81 23.00
C GLU B 445 15.12 24.40 21.61
N GLN B 446 15.32 23.54 20.61
CA GLN B 446 15.44 24.01 19.22
C GLN B 446 14.15 24.62 18.72
N VAL B 447 12.99 24.08 19.14
CA VAL B 447 11.71 24.64 18.70
C VAL B 447 11.50 26.02 19.30
N ILE B 448 11.79 26.18 20.59
CA ILE B 448 11.66 27.48 21.23
C ILE B 448 12.58 28.50 20.55
N THR B 449 13.83 28.11 20.31
CA THR B 449 14.77 28.94 19.57
C THR B 449 14.16 29.41 18.26
N GLU B 450 13.52 28.50 17.52
CA GLU B 450 12.93 28.84 16.23
C GLU B 450 11.73 29.76 16.40
N LEU B 451 10.84 29.43 17.34
CA LEU B 451 9.69 30.29 17.60
C LEU B 451 10.14 31.66 18.07
N LYS B 452 11.13 31.71 18.96
CA LYS B 452 11.58 33.00 19.49
C LYS B 452 12.12 33.88 18.37
N ALA B 453 12.74 33.26 17.36
CA ALA B 453 13.36 34.04 16.30
C ALA B 453 12.32 34.77 15.47
N SER B 454 11.11 34.21 15.34
CA SER B 454 10.05 34.91 14.63
C SER B 454 9.49 36.09 15.42
N GLY B 455 9.85 36.23 16.70
CA GLY B 455 9.29 37.31 17.49
C GLY B 455 7.87 37.11 17.94
N LYS B 456 7.33 35.90 17.84
CA LYS B 456 5.96 35.60 18.25
C LYS B 456 5.76 35.92 19.73
N ASN B 457 4.53 36.30 20.09
CA ASN B 457 4.23 36.53 21.49
C ASN B 457 4.43 35.23 22.28
N GLU B 458 4.68 35.37 23.58
CA GLU B 458 5.09 34.23 24.38
C GLU B 458 3.96 33.21 24.53
N GLU B 459 2.70 33.64 24.50
CA GLU B 459 1.61 32.68 24.62
C GLU B 459 1.51 31.79 23.38
N GLU B 460 1.74 32.35 22.19
CA GLU B 460 1.68 31.54 20.98
C GLU B 460 2.88 30.60 20.89
N ILE B 461 4.06 31.07 21.32
CA ILE B 461 5.23 30.22 21.41
C ILE B 461 4.95 29.01 22.29
N ALA B 462 4.46 29.26 23.49
CA ALA B 462 4.22 28.18 24.44
C ALA B 462 3.27 27.12 23.86
N PHE B 463 2.11 27.58 23.35
CA PHE B 463 1.13 26.67 22.75
C PHE B 463 1.72 25.89 21.57
N LEU B 464 2.54 26.53 20.74
CA LEU B 464 2.98 25.90 19.51
C LEU B 464 4.18 24.98 19.68
N THR B 465 4.85 25.01 20.84
CA THR B 465 6.13 24.34 21.01
C THR B 465 6.02 22.83 20.78
N ASN B 466 5.11 22.18 21.50
CA ASN B 466 5.07 20.73 21.48
C ASN B 466 4.62 20.22 20.11
N PHE B 467 3.65 20.90 19.49
CA PHE B 467 3.21 20.54 18.16
C PHE B 467 4.35 20.54 17.16
N LYS B 468 5.41 21.29 17.43
CA LYS B 468 6.50 21.41 16.48
C LYS B 468 7.75 20.67 16.90
N THR B 469 7.69 19.98 18.03
CA THR B 469 8.77 19.14 18.49
C THR B 469 8.76 17.83 17.70
N PHE B 470 9.94 17.28 17.47
CA PHE B 470 10.10 15.98 16.80
C PHE B 470 10.91 15.08 17.72
N THR B 471 10.26 14.04 18.25
CA THR B 471 10.94 13.16 19.21
C THR B 471 12.15 12.47 18.61
N GLY B 472 12.07 12.11 17.32
CA GLY B 472 13.10 11.31 16.67
C GLY B 472 13.15 9.91 17.26
N ASN B 473 14.32 9.27 17.09
CA ASN B 473 14.53 7.85 17.42
C ASN B 473 13.60 6.93 16.62
N THR B 474 13.34 7.28 15.36
CA THR B 474 12.77 6.26 14.50
C THR B 474 13.89 5.64 13.66
N PRO B 475 14.06 4.33 13.68
CA PRO B 475 15.23 3.71 13.06
C PRO B 475 15.03 3.44 11.57
N THR B 476 16.10 3.61 10.80
CA THR B 476 16.05 3.30 9.38
C THR B 476 17.29 2.53 8.93
N ASN B 477 17.12 1.86 7.80
CA ASN B 477 18.20 1.47 6.91
C ASN B 477 18.17 2.36 5.67
N SER B 478 19.35 2.71 5.17
CA SER B 478 19.49 3.38 3.89
C SER B 478 20.36 2.52 2.97
N PHE B 479 19.81 2.22 1.78
CA PHE B 479 20.54 1.61 0.69
C PHE B 479 20.83 2.67 -0.36
N ILE B 480 22.04 2.66 -0.90
CA ILE B 480 22.36 3.41 -2.11
C ILE B 480 22.95 2.43 -3.10
N PHE B 481 22.21 2.12 -4.18
CA PHE B 481 22.80 1.46 -5.33
C PHE B 481 23.25 2.52 -6.31
N GLU B 482 24.21 2.15 -7.17
CA GLU B 482 24.70 3.11 -8.16
C GLU B 482 23.62 3.46 -9.16
N GLU B 483 22.86 2.46 -9.63
CA GLU B 483 21.80 2.72 -10.58
C GLU B 483 20.78 1.59 -10.52
N LEU B 484 19.51 1.94 -10.74
CA LEU B 484 18.47 0.94 -10.89
C LEU B 484 18.63 0.24 -12.22
N THR B 485 19.03 -1.02 -12.19
CA THR B 485 19.22 -1.85 -13.37
C THR B 485 18.54 -3.18 -13.11
N PRO B 486 18.41 -4.03 -14.14
CA PRO B 486 17.91 -5.38 -13.85
C PRO B 486 18.77 -6.12 -12.84
N PHE B 487 20.10 -6.04 -12.94
CA PHE B 487 20.97 -6.68 -11.96
C PHE B 487 20.71 -6.14 -10.56
N THR B 488 20.70 -4.81 -10.41
CA THR B 488 20.62 -4.27 -9.06
C THR B 488 19.25 -4.49 -8.46
N LEU B 489 18.21 -4.49 -9.29
CA LEU B 489 16.88 -4.85 -8.83
C LEU B 489 16.86 -6.28 -8.32
N GLY B 490 17.42 -7.21 -9.10
CA GLY B 490 17.59 -8.57 -8.62
C GLY B 490 18.27 -8.63 -7.27
N GLN B 491 19.38 -7.90 -7.12
CA GLN B 491 20.07 -7.81 -5.83
C GLN B 491 19.11 -7.43 -4.72
N LEU B 492 18.29 -6.39 -4.96
CA LEU B 492 17.46 -5.86 -3.89
C LEU B 492 16.36 -6.84 -3.52
N ILE B 493 15.75 -7.46 -4.54
CA ILE B 493 14.67 -8.40 -4.30
C ILE B 493 15.16 -9.56 -3.45
N ALA B 494 16.33 -10.09 -3.80
CA ALA B 494 16.86 -11.27 -3.13
C ALA B 494 17.27 -10.93 -1.69
N PHE B 495 17.81 -9.73 -1.48
CA PHE B 495 18.07 -9.26 -0.12
C PHE B 495 16.86 -9.49 0.78
N TYR B 496 15.67 -9.05 0.32
CA TYR B 496 14.46 -9.23 1.12
C TYR B 496 14.05 -10.68 1.20
N GLU B 497 14.18 -11.42 0.09
CA GLU B 497 13.91 -12.85 0.13
C GLU B 497 14.76 -13.55 1.17
N HIS B 498 15.98 -13.08 1.36
CA HIS B 498 16.83 -13.72 2.33
C HIS B 498 16.59 -13.21 3.74
N LYS B 499 16.23 -11.92 3.88
CA LYS B 499 15.79 -11.41 5.17
C LYS B 499 14.62 -12.22 5.69
N ILE B 500 13.63 -12.48 4.81
CA ILE B 500 12.43 -13.18 5.23
C ILE B 500 12.80 -14.59 5.67
N PHE B 501 13.74 -15.20 4.96
CA PHE B 501 14.27 -16.49 5.37
C PHE B 501 14.89 -16.42 6.77
N VAL B 502 15.85 -15.50 6.95
CA VAL B 502 16.50 -15.33 8.26
C VAL B 502 15.44 -15.19 9.36
N GLN B 503 14.42 -14.39 9.11
CA GLN B 503 13.39 -14.15 10.13
C GLN B 503 12.53 -15.40 10.36
N GLY B 504 12.17 -16.13 9.30
CA GLY B 504 11.46 -17.39 9.51
C GLY B 504 12.28 -18.43 10.25
N VAL B 505 13.60 -18.44 10.03
CA VAL B 505 14.47 -19.37 10.76
C VAL B 505 14.46 -19.02 12.25
N ILE B 506 14.79 -17.78 12.58
CA ILE B 506 14.88 -17.35 13.98
C ILE B 506 13.54 -17.52 14.68
N TRP B 507 12.44 -17.16 14.01
CA TRP B 507 11.11 -17.24 14.62
C TRP B 507 10.56 -18.66 14.70
N ASN B 508 11.28 -19.64 14.16
CA ASN B 508 10.95 -21.05 14.30
C ASN B 508 9.63 -21.39 13.63
N ILE B 509 9.36 -20.74 12.49
CA ILE B 509 8.14 -20.96 11.74
C ILE B 509 8.52 -21.47 10.35
N PHE B 510 7.49 -21.86 9.59
CA PHE B 510 7.63 -22.31 8.22
C PHE B 510 7.34 -21.14 7.30
N SER B 511 8.31 -20.75 6.49
CA SER B 511 8.18 -19.54 5.70
C SER B 511 7.56 -19.78 4.34
N PHE B 512 7.46 -21.02 3.90
CA PHE B 512 7.25 -21.32 2.50
C PHE B 512 5.93 -22.03 2.21
N ASP B 513 5.16 -22.37 3.23
CA ASP B 513 3.80 -22.81 3.03
C ASP B 513 2.84 -21.63 3.24
N GLN B 514 1.54 -21.88 3.09
CA GLN B 514 0.54 -20.83 3.30
C GLN B 514 -0.84 -21.46 3.47
N TRP B 515 -1.00 -22.23 4.56
CA TRP B 515 -2.28 -22.85 4.86
C TRP B 515 -3.37 -21.85 5.22
N GLY B 516 -3.01 -20.62 5.54
CA GLY B 516 -3.97 -19.62 5.99
C GLY B 516 -4.89 -19.07 4.93
N VAL B 517 -4.76 -19.54 3.68
CA VAL B 517 -5.63 -19.12 2.60
C VAL B 517 -6.70 -20.14 2.25
N GLU B 518 -6.71 -21.30 2.89
CA GLU B 518 -7.66 -22.33 2.49
CA GLU B 518 -7.67 -22.32 2.46
C GLU B 518 -9.06 -22.09 3.03
N LEU B 519 -9.17 -21.50 4.23
CA LEU B 519 -10.50 -21.32 4.82
C LEU B 519 -11.36 -20.35 4.02
N GLY B 520 -10.82 -19.19 3.68
CA GLY B 520 -11.55 -18.27 2.84
C GLY B 520 -11.97 -18.87 1.51
N LYS B 521 -11.15 -19.77 0.96
CA LYS B 521 -11.48 -20.38 -0.32
C LYS B 521 -12.57 -21.44 -0.19
N ALA B 522 -12.52 -22.27 0.86
CA ALA B 522 -13.61 -23.22 1.12
C ALA B 522 -14.92 -22.49 1.28
N LEU B 523 -14.93 -21.45 2.13
CA LEU B 523 -16.16 -20.74 2.41
C LEU B 523 -16.68 -20.03 1.19
N ALA B 524 -15.78 -19.55 0.33
CA ALA B 524 -16.22 -18.88 -0.90
C ALA B 524 -16.94 -19.89 -1.80
N ASN B 525 -16.42 -21.11 -1.87
CA ASN B 525 -17.05 -22.18 -2.63
C ASN B 525 -18.45 -22.48 -2.11
N LYS B 526 -18.59 -22.55 -0.79
CA LYS B 526 -19.91 -22.87 -0.24
C LYS B 526 -20.91 -21.75 -0.56
N ILE B 527 -20.43 -20.50 -0.58
CA ILE B 527 -21.35 -19.38 -0.74
C ILE B 527 -21.75 -19.21 -2.20
N LEU B 528 -20.86 -19.49 -3.16
CA LEU B 528 -21.09 -19.15 -4.56
C LEU B 528 -22.42 -19.69 -5.10
N PRO B 529 -22.78 -20.96 -4.91
CA PRO B 529 -24.14 -21.39 -5.30
C PRO B 529 -25.23 -20.66 -4.55
N GLU B 530 -24.99 -20.22 -3.32
CA GLU B 530 -26.03 -19.51 -2.61
C GLU B 530 -26.37 -18.17 -3.24
N LEU B 531 -25.55 -17.68 -4.17
CA LEU B 531 -25.82 -16.41 -4.83
C LEU B 531 -26.65 -16.55 -6.10
N GLU B 532 -26.52 -17.68 -6.80
CA GLU B 532 -27.19 -17.83 -8.09
C GLU B 532 -28.66 -18.23 -7.92
N ASN B 533 -29.03 -18.89 -6.83
CA ASN B 533 -30.44 -19.13 -6.56
C ASN B 533 -31.10 -17.83 -6.10
N THR B 534 -32.42 -17.90 -5.89
CA THR B 534 -33.20 -16.74 -5.53
C THR B 534 -33.70 -16.75 -4.09
N ALA B 535 -33.54 -17.86 -3.38
CA ALA B 535 -34.10 -18.00 -2.05
C ALA B 535 -33.36 -17.13 -1.04
N GLU B 536 -33.95 -16.99 0.14
CA GLU B 536 -33.39 -16.17 1.20
C GLU B 536 -32.45 -17.03 2.05
N ILE B 537 -31.15 -16.75 1.97
CA ILE B 537 -30.13 -17.64 2.55
C ILE B 537 -30.14 -17.51 4.07
N THR B 538 -30.03 -18.66 4.75
CA THR B 538 -30.07 -18.68 6.22
C THR B 538 -29.03 -19.64 6.79
N SER B 539 -28.11 -20.15 5.97
CA SER B 539 -27.23 -21.23 6.39
C SER B 539 -26.03 -20.77 7.20
N HIS B 540 -25.77 -19.46 7.25
CA HIS B 540 -24.60 -18.95 7.95
C HIS B 540 -25.01 -18.25 9.25
N ASP B 541 -24.07 -17.53 9.83
CA ASP B 541 -24.36 -16.56 10.87
C ASP B 541 -25.24 -15.44 10.31
N SER B 542 -25.85 -14.66 11.20
CA SER B 542 -26.79 -13.63 10.74
C SER B 542 -26.12 -12.55 9.87
N SER B 543 -24.83 -12.29 10.07
CA SER B 543 -24.18 -11.26 9.25
C SER B 543 -24.01 -11.74 7.82
N THR B 544 -23.34 -12.88 7.63
CA THR B 544 -23.20 -13.46 6.30
C THR B 544 -24.55 -13.65 5.63
N ASN B 545 -25.55 -14.15 6.37
CA ASN B 545 -26.91 -14.17 5.84
C ASN B 545 -27.33 -12.76 5.45
N GLY B 546 -27.13 -11.80 6.35
CA GLY B 546 -27.59 -10.45 6.10
C GLY B 546 -26.93 -9.81 4.88
N LEU B 547 -25.61 -10.00 4.75
CA LEU B 547 -24.91 -9.44 3.60
C LEU B 547 -25.32 -10.14 2.31
N ILE B 548 -25.51 -11.46 2.36
CA ILE B 548 -25.90 -12.21 1.17
C ILE B 548 -27.30 -11.82 0.72
N ASN B 549 -28.23 -11.67 1.66
CA ASN B 549 -29.60 -11.36 1.29
C ASN B 549 -29.73 -9.92 0.80
N PHE B 550 -29.01 -8.99 1.43
CA PHE B 550 -28.96 -7.64 0.87
C PHE B 550 -28.41 -7.66 -0.56
N TYR B 551 -27.32 -8.40 -0.77
CA TYR B 551 -26.70 -8.49 -2.09
C TYR B 551 -27.67 -9.08 -3.12
N LYS B 552 -28.23 -10.25 -2.82
CA LYS B 552 -29.17 -10.88 -3.74
C LYS B 552 -30.37 -9.99 -4.01
N LYS B 553 -30.71 -9.11 -3.06
CA LYS B 553 -31.75 -8.14 -3.33
C LYS B 553 -31.28 -7.09 -4.34
N HIS B 554 -30.02 -6.67 -4.26
CA HIS B 554 -29.56 -5.55 -5.07
C HIS B 554 -28.70 -5.94 -6.26
N LYS B 555 -28.44 -7.23 -6.46
CA LYS B 555 -27.56 -7.68 -7.54
C LYS B 555 -28.18 -7.59 -8.93
C1 G6P C . 2.31 19.07 2.24
C2 G6P C . 1.65 17.96 3.01
C3 G6P C . 0.24 17.71 2.48
C4 G6P C . 0.02 18.41 1.15
C5 G6P C . 1.23 18.24 0.23
C6 G6P C . 1.10 19.00 -1.07
O1 G6P C . 3.56 19.35 2.79
O2 G6P C . 2.43 16.77 2.91
O3 G6P C . -0.70 18.18 3.44
O4 G6P C . -1.14 17.86 0.51
O5 G6P C . 2.44 18.69 0.86
O6 G6P C . 1.06 20.43 -0.84
P G6P C . 0.78 21.47 -2.10
O1P G6P C . 1.77 21.31 -3.20
O2P G6P C . 0.74 22.88 -1.51
O3P G6P C . -0.66 21.18 -2.57
C1 EDO D . 7.81 13.29 -28.13
O1 EDO D . 7.03 14.47 -28.36
C2 EDO D . 7.64 12.31 -29.29
O2 EDO D . 6.38 11.62 -29.21
C1 EDO E . 12.86 12.81 -20.34
O1 EDO E . 12.06 13.69 -21.12
C2 EDO E . 14.30 12.78 -20.82
O2 EDO E . 14.51 11.72 -21.76
C1 EDO F . -12.82 28.19 -20.63
O1 EDO F . -12.98 28.96 -19.44
C2 EDO F . -11.40 28.27 -21.19
O2 EDO F . -11.25 27.26 -22.20
C1 GOL G . -5.26 -12.64 16.20
O1 GOL G . -6.67 -12.66 16.11
C2 GOL G . -4.67 -13.23 14.88
O2 GOL G . -5.17 -12.58 13.73
C3 GOL G . -5.03 -14.75 14.90
O3 GOL G . -3.87 -15.45 15.28
C1 G6P H . -2.25 -18.64 -3.49
C2 G6P H . -1.34 -17.95 -2.49
C3 G6P H . -0.03 -17.51 -3.14
C4 G6P H . -0.04 -17.81 -4.65
C5 G6P H . -1.33 -17.28 -5.29
C6 G6P H . -1.48 -17.67 -6.75
O1 G6P H . -3.43 -18.99 -2.85
O2 G6P H . -2.01 -16.84 -1.90
O3 G6P H . 1.03 -18.22 -2.51
O4 G6P H . 1.09 -17.21 -5.27
O5 G6P H . -2.50 -17.78 -4.61
O6 G6P H . -1.44 -19.11 -6.90
P G6P H . -1.43 -19.72 -8.35
O1P G6P H . -2.68 -19.14 -9.05
O2P G6P H . -0.20 -19.08 -9.06
O3P G6P H . -1.40 -21.19 -8.37
C1 EDO I . 8.03 7.39 17.49
O1 EDO I . 6.92 6.80 18.18
C2 EDO I . 7.54 8.38 16.43
O2 EDO I . 6.82 9.44 17.07
#